data_6YJV
#
_entry.id   6YJV
#
_cell.length_a   46.520
_cell.length_b   69.210
_cell.length_c   90.650
_cell.angle_alpha   108.420
_cell.angle_beta   92.250
_cell.angle_gamma   106.540
#
_symmetry.space_group_name_H-M   'P 1'
#
loop_
_entity.id
_entity.type
_entity.pdbx_description
1 polymer 'Alpha-1,6-mannosylglycoprotein 6-beta-N-acetylglucosaminyltransferase A'
2 branched 2-acetamido-2-deoxy-beta-D-glucopyranose-(1-2)-alpha-D-mannopyranose-(1-6)-[alpha-D-mannopyranose-(1-3)]alpha-D-mannopyranose
3 branched 2-acetamido-2-deoxy-beta-D-glucopyranose-(1-2)-alpha-D-mannopyranose
4 non-polymer 1,2-ETHANEDIOL
5 non-polymer "URIDINE-5'-DIPHOSPHATE-2-DEOXY-2-FLUORO-ALPHA-D-GLUCOSE"
6 non-polymer 'SULFATE ION'
7 water water
#
_entity_poly.entity_id   1
_entity_poly.type   'polypeptide(L)'
_entity_poly.pdbx_seq_one_letter_code
;SLAEIRTDFNILYSMMKKHEEFRWMRLRIRRMADAWIQAIKSLAEKQNLEKRKRKKVLVHLGLLTKESGFKIAETAFSGG
PLGELVQWSDLITSLYLLGHDIRISASLAELKEIMGGGGVELIYIDIVGLAQFKKTLGPSWVHYQCMLRVLDSFGTEPEF
NHANYAQSKGHKTPWGKWNLNPQQFYTMFPHTPDNSFLGFVVEQHLNSSDIHHINEIKRQNQSLVYGKVDSFWKNKKIYL
DIIHTYMEVHATVYGSSTKNIPSYVKNHGILSGRDLQFLLRETKLFVGLGFPYEGPAPLEAIANGCAFLNPKFNPPKSSK
NTDFFIGKPTLRELTSQHPYAEVFIGRPHVWTVDLNNQEEVEDAVKAILNQKIEPYMPYEFTCEGMLQRINAFIEKQDFC
HGQVMWPPLSALQVKLAEPGQSCKQVCQESQLICEPSFFQHLNKDKDMLKYKVTCQSSELAKDILVPSFDPKNKHCVFQG
DLLLFSCAGAHPRHQRVCPCRDFIKGQVALCKDCL
;
_entity_poly.pdbx_strand_id   AAA,BBB
#
loop_
_chem_comp.id
_chem_comp.type
_chem_comp.name
_chem_comp.formula
EDO non-polymer 1,2-ETHANEDIOL 'C2 H6 O2'
MAN D-saccharide, alpha linking alpha-D-mannopyranose 'C6 H12 O6'
NAG D-saccharide, beta linking 2-acetamido-2-deoxy-beta-D-glucopyranose 'C8 H15 N O6'
SO4 non-polymer 'SULFATE ION' 'O4 S -2'
U2F non-polymer URIDINE-5'-DIPHOSPHATE-2-DEOXY-2-FLUORO-ALPHA-D-GLUCOSE 'C15 H23 F N2 O16 P2'
#
# COMPACT_ATOMS: atom_id res chain seq x y z
N SER A 1 -40.39 10.79 5.76
CA SER A 1 -39.97 12.11 6.28
C SER A 1 -39.27 11.99 7.65
N LEU A 2 -39.36 10.86 8.37
CA LEU A 2 -38.52 10.63 9.58
C LEU A 2 -37.25 9.84 9.19
N ALA A 3 -36.11 10.16 9.80
CA ALA A 3 -34.85 9.42 9.54
C ALA A 3 -34.96 8.03 10.17
N GLU A 4 -34.52 7.02 9.43
CA GLU A 4 -34.33 5.63 9.89
C GLU A 4 -32.84 5.30 9.86
N ILE A 5 -32.27 4.79 10.97
CA ILE A 5 -30.82 4.41 11.00
C ILE A 5 -30.60 3.31 9.94
N ARG A 6 -29.45 3.35 9.30
CA ARG A 6 -28.98 2.38 8.27
C ARG A 6 -27.96 1.45 8.93
N THR A 7 -28.02 0.15 8.66
CA THR A 7 -27.10 -0.87 9.23
C THR A 7 -26.45 -1.70 8.11
N ASP A 8 -26.57 -1.26 6.88
CA ASP A 8 -26.03 -1.93 5.68
C ASP A 8 -25.40 -0.81 4.85
N PHE A 9 -24.18 -1.00 4.35
CA PHE A 9 -23.44 0.03 3.59
C PHE A 9 -23.63 -0.11 2.06
N ASN A 10 -24.54 -0.96 1.59
CA ASN A 10 -24.63 -1.28 0.14
C ASN A 10 -24.97 0.01 -0.64
N ILE A 11 -25.96 0.79 -0.20
CA ILE A 11 -26.33 2.07 -0.86
C ILE A 11 -25.13 3.05 -0.77
N LEU A 12 -24.43 3.13 0.36
CA LEU A 12 -23.28 4.06 0.48
C LEU A 12 -22.19 3.64 -0.53
N TYR A 13 -21.85 2.35 -0.61
CA TYR A 13 -20.78 1.86 -1.54
C TYR A 13 -21.17 2.22 -2.98
N SER A 14 -22.46 2.15 -3.33
CA SER A 14 -22.97 2.54 -4.68
C SER A 14 -22.69 4.01 -4.95
N MET A 15 -22.85 4.87 -3.94
CA MET A 15 -22.72 6.35 -4.10
C MET A 15 -21.25 6.67 -4.29
N MET A 16 -20.38 5.97 -3.56
CA MET A 16 -18.92 6.26 -3.57
C MET A 16 -18.21 5.63 -4.79
N LYS A 17 -18.80 4.60 -5.41
CA LYS A 17 -18.24 4.01 -6.66
C LYS A 17 -18.38 5.01 -7.83
N LYS A 18 -19.23 6.03 -7.69
CA LYS A 18 -19.62 6.90 -8.81
C LYS A 18 -18.54 7.93 -9.12
N HIS A 19 -17.52 8.09 -8.26
CA HIS A 19 -16.31 8.88 -8.56
C HIS A 19 -15.06 8.12 -8.12
N GLU A 20 -14.07 8.07 -9.01
CA GLU A 20 -12.71 7.53 -8.76
C GLU A 20 -12.08 8.28 -7.57
N GLU A 21 -12.37 9.57 -7.46
CA GLU A 21 -11.88 10.46 -6.37
C GLU A 21 -12.26 9.91 -4.99
N PHE A 22 -13.27 9.03 -4.87
CA PHE A 22 -13.77 8.51 -3.56
C PHE A 22 -13.09 7.20 -3.17
N ARG A 23 -12.13 6.71 -3.97
CA ARG A 23 -11.63 5.31 -3.85
C ARG A 23 -11.02 5.12 -2.46
N TRP A 24 -10.09 5.99 -2.06
CA TRP A 24 -9.38 5.85 -0.77
C TRP A 24 -10.41 5.85 0.38
N MET A 25 -11.40 6.73 0.30
CA MET A 25 -12.43 6.95 1.35
C MET A 25 -13.31 5.70 1.41
N ARG A 26 -13.65 5.12 0.27
CA ARG A 26 -14.45 3.86 0.19
C ARG A 26 -13.71 2.70 0.88
N LEU A 27 -12.40 2.59 0.68
CA LEU A 27 -11.59 1.49 1.27
C LEU A 27 -11.52 1.67 2.80
N ARG A 28 -11.36 2.91 3.28
CA ARG A 28 -11.38 3.22 4.74
C ARG A 28 -12.72 2.76 5.33
N ILE A 29 -13.84 3.16 4.73
CA ILE A 29 -15.19 2.87 5.27
C ILE A 29 -15.33 1.33 5.35
N ARG A 30 -14.90 0.64 4.30
CA ARG A 30 -14.93 -0.85 4.22
C ARG A 30 -14.13 -1.45 5.37
N ARG A 31 -12.92 -0.97 5.65
CA ARG A 31 -12.08 -1.52 6.75
C ARG A 31 -12.82 -1.33 8.08
N MET A 32 -13.55 -0.23 8.26
CA MET A 32 -14.13 0.18 9.57
C MET A 32 -15.63 -0.18 9.66
N ALA A 33 -16.20 -0.80 8.63
CA ALA A 33 -17.67 -0.97 8.45
C ALA A 33 -18.30 -1.70 9.65
N ASP A 34 -17.67 -2.76 10.15
CA ASP A 34 -18.26 -3.54 11.27
C ASP A 34 -18.28 -2.70 12.54
N ALA A 35 -17.25 -1.87 12.77
CA ALA A 35 -17.18 -0.96 13.94
C ALA A 35 -18.30 0.07 13.82
N TRP A 36 -18.52 0.63 12.64
CA TRP A 36 -19.57 1.65 12.40
C TRP A 36 -20.95 1.09 12.71
N ILE A 37 -21.25 -0.09 12.18
CA ILE A 37 -22.59 -0.73 12.33
C ILE A 37 -22.82 -1.05 13.81
N GLN A 38 -21.81 -1.59 14.51
CA GLN A 38 -21.89 -1.88 15.96
C GLN A 38 -22.25 -0.59 16.72
N ALA A 39 -21.60 0.51 16.35
CA ALA A 39 -21.73 1.82 17.01
C ALA A 39 -23.13 2.43 16.81
N ILE A 40 -23.69 2.42 15.61
CA ILE A 40 -25.03 3.05 15.40
C ILE A 40 -26.06 2.18 16.13
N LYS A 41 -25.85 0.87 16.21
CA LYS A 41 -26.76 -0.03 16.99
C LYS A 41 -26.66 0.30 18.48
N SER A 42 -25.44 0.40 19.01
CA SER A 42 -25.20 0.76 20.43
C SER A 42 -25.80 2.13 20.77
N LEU A 43 -25.57 3.15 19.94
CA LEU A 43 -26.14 4.51 20.19
C LEU A 43 -27.68 4.45 20.25
N ALA A 44 -28.29 3.69 19.35
CA ALA A 44 -29.77 3.57 19.21
C ALA A 44 -30.38 2.87 20.43
N GLU A 45 -29.59 2.04 21.15
CA GLU A 45 -29.99 1.35 22.41
C GLU A 45 -29.89 2.35 23.57
N LYS A 46 -28.98 3.31 23.52
CA LYS A 46 -28.73 4.26 24.64
C LYS A 46 -29.64 5.47 24.60
N GLN A 47 -29.98 5.94 23.40
CA GLN A 47 -30.63 7.23 23.14
C GLN A 47 -31.72 7.00 22.11
N ASN A 48 -32.87 7.61 22.35
CA ASN A 48 -33.99 7.65 21.38
C ASN A 48 -33.52 8.43 20.15
N LEU A 49 -33.32 7.72 19.03
CA LEU A 49 -32.98 8.26 17.68
C LEU A 49 -34.24 8.27 16.83
N GLU A 50 -35.41 8.05 17.44
CA GLU A 50 -36.72 8.16 16.76
C GLU A 50 -37.10 9.64 16.64
N LYS A 51 -38.05 9.93 15.77
CA LYS A 51 -38.72 11.25 15.68
C LYS A 51 -37.72 12.31 15.21
N ARG A 52 -36.63 11.89 14.54
CA ARG A 52 -35.68 12.81 13.87
C ARG A 52 -36.18 13.02 12.45
N LYS A 53 -36.28 14.25 12.00
CA LYS A 53 -36.64 14.54 10.59
C LYS A 53 -35.44 14.16 9.72
N ARG A 54 -35.71 13.44 8.62
CA ARG A 54 -34.71 13.11 7.59
C ARG A 54 -34.35 14.41 6.87
N LYS A 55 -33.08 14.78 6.87
CA LYS A 55 -32.62 16.00 6.17
C LYS A 55 -32.08 15.60 4.80
N LYS A 56 -32.37 16.43 3.79
CA LYS A 56 -31.61 16.46 2.53
C LYS A 56 -30.32 17.23 2.76
N VAL A 57 -29.19 16.58 2.58
CA VAL A 57 -27.85 17.11 2.96
C VAL A 57 -26.98 17.19 1.71
N LEU A 58 -26.51 18.39 1.36
CA LEU A 58 -25.41 18.52 0.38
C LEU A 58 -24.07 18.26 1.08
N VAL A 59 -23.28 17.33 0.56
CA VAL A 59 -21.86 17.16 0.96
C VAL A 59 -21.01 17.52 -0.26
N HIS A 60 -20.38 18.70 -0.23
CA HIS A 60 -19.58 19.19 -1.37
C HIS A 60 -18.11 19.15 -1.01
N LEU A 61 -17.36 18.23 -1.63
CA LEU A 61 -15.93 17.99 -1.31
C LEU A 61 -15.10 18.84 -2.26
N GLY A 62 -14.98 20.13 -1.95
CA GLY A 62 -14.21 21.09 -2.75
C GLY A 62 -12.81 20.58 -3.03
N LEU A 63 -12.14 19.97 -2.04
CA LEU A 63 -10.75 19.47 -2.17
C LEU A 63 -10.64 18.38 -3.25
N LEU A 64 -11.74 17.70 -3.64
CA LEU A 64 -11.70 16.58 -4.64
C LEU A 64 -12.18 17.05 -6.01
N THR A 65 -12.59 18.31 -6.16
CA THR A 65 -13.03 18.87 -7.46
C THR A 65 -11.81 19.00 -8.36
N LYS A 66 -11.96 18.62 -9.63
CA LYS A 66 -10.97 18.94 -10.69
C LYS A 66 -10.72 20.45 -10.59
N GLU A 67 -11.83 21.18 -10.54
CA GLU A 67 -11.94 22.66 -10.66
C GLU A 67 -11.12 23.33 -9.54
N SER A 68 -10.93 22.69 -8.36
CA SER A 68 -10.07 23.17 -7.23
C SER A 68 -8.57 23.09 -7.56
N GLY A 69 -8.20 22.13 -8.42
CA GLY A 69 -6.79 21.76 -8.68
C GLY A 69 -6.00 21.44 -7.42
N PHE A 70 -6.62 20.83 -6.40
CA PHE A 70 -5.95 20.46 -5.12
C PHE A 70 -5.15 19.16 -5.28
N LYS A 71 -5.64 18.23 -6.10
CA LYS A 71 -4.95 16.96 -6.46
C LYS A 71 -4.58 16.17 -5.20
N ILE A 72 -5.56 15.99 -4.31
CA ILE A 72 -5.43 15.19 -3.06
C ILE A 72 -5.79 13.74 -3.40
N ALA A 73 -6.81 13.51 -4.24
CA ALA A 73 -7.19 12.14 -4.66
C ALA A 73 -5.98 11.48 -5.34
N GLU A 74 -5.30 12.23 -6.21
CA GLU A 74 -4.08 11.85 -6.98
C GLU A 74 -3.01 11.24 -6.08
N THR A 75 -2.78 11.76 -4.86
CA THR A 75 -1.65 11.35 -3.97
C THR A 75 -2.11 10.50 -2.79
N ALA A 76 -3.36 10.01 -2.76
CA ALA A 76 -3.96 9.34 -1.57
C ALA A 76 -3.20 8.05 -1.23
N PHE A 77 -2.67 7.35 -2.26
CA PHE A 77 -2.03 6.01 -2.08
C PHE A 77 -0.50 6.11 -2.11
N SER A 78 0.08 7.28 -2.36
CA SER A 78 1.54 7.48 -2.57
C SER A 78 2.15 8.45 -1.54
N GLY A 79 1.57 8.57 -0.34
CA GLY A 79 2.15 9.36 0.76
C GLY A 79 1.65 10.80 0.86
N GLY A 80 0.62 11.18 0.10
CA GLY A 80 0.01 12.53 0.13
C GLY A 80 -0.87 12.77 1.38
N PRO A 81 -1.42 13.99 1.57
CA PRO A 81 -2.25 14.29 2.73
C PRO A 81 -3.54 13.46 2.74
N LEU A 82 -3.92 12.98 3.92
CA LEU A 82 -5.08 12.07 4.14
C LEU A 82 -6.00 12.57 5.25
N GLY A 83 -5.55 13.47 6.11
CA GLY A 83 -6.34 13.86 7.31
C GLY A 83 -7.73 14.35 6.91
N GLU A 84 -7.83 15.20 5.89
CA GLU A 84 -9.16 15.71 5.43
C GLU A 84 -9.99 14.54 4.90
N LEU A 85 -9.39 13.64 4.13
CA LEU A 85 -10.14 12.47 3.57
C LEU A 85 -10.67 11.57 4.69
N VAL A 86 -9.88 11.38 5.75
CA VAL A 86 -10.31 10.66 6.98
C VAL A 86 -11.58 11.34 7.51
N GLN A 87 -11.53 12.66 7.72
CA GLN A 87 -12.69 13.37 8.30
C GLN A 87 -13.90 13.30 7.37
N TRP A 88 -13.72 13.50 6.05
CA TRP A 88 -14.87 13.46 5.12
C TRP A 88 -15.48 12.05 5.12
N SER A 89 -14.64 11.02 5.13
CA SER A 89 -15.05 9.59 5.16
C SER A 89 -15.99 9.39 6.36
N ASP A 90 -15.54 9.87 7.51
CA ASP A 90 -16.22 9.61 8.80
C ASP A 90 -17.52 10.43 8.89
N LEU A 91 -17.51 11.65 8.37
CA LEU A 91 -18.71 12.52 8.30
C LEU A 91 -19.76 11.88 7.39
N ILE A 92 -19.38 11.48 6.18
CA ILE A 92 -20.32 10.91 5.20
C ILE A 92 -20.93 9.64 5.83
N THR A 93 -20.10 8.81 6.47
CA THR A 93 -20.55 7.53 7.06
C THR A 93 -21.54 7.83 8.18
N SER A 94 -21.23 8.80 9.04
CA SER A 94 -22.10 9.19 10.17
C SER A 94 -23.45 9.67 9.64
N LEU A 95 -23.46 10.53 8.63
CA LEU A 95 -24.73 11.07 8.04
C LEU A 95 -25.57 9.92 7.49
N TYR A 96 -24.92 9.01 6.79
CA TYR A 96 -25.54 7.83 6.14
C TYR A 96 -26.16 6.94 7.21
N LEU A 97 -25.37 6.56 8.22
CA LEU A 97 -25.86 5.68 9.31
C LEU A 97 -27.05 6.32 10.05
N LEU A 98 -27.04 7.64 10.26
CA LEU A 98 -28.13 8.36 10.99
C LEU A 98 -29.39 8.48 10.13
N GLY A 99 -29.33 8.08 8.85
CA GLY A 99 -30.51 7.90 7.99
C GLY A 99 -30.84 9.14 7.18
N HIS A 100 -29.88 10.06 7.02
CA HIS A 100 -30.15 11.31 6.27
C HIS A 100 -30.02 11.02 4.77
N ASP A 101 -30.63 11.89 3.98
CA ASP A 101 -30.66 11.80 2.52
C ASP A 101 -29.45 12.57 1.97
N ILE A 102 -28.31 11.90 1.77
CA ILE A 102 -27.04 12.61 1.44
C ILE A 102 -26.89 12.67 -0.07
N ARG A 103 -26.52 13.84 -0.55
CA ARG A 103 -26.27 14.15 -1.98
C ARG A 103 -24.80 14.55 -2.06
N ILE A 104 -23.95 13.63 -2.50
CA ILE A 104 -22.48 13.82 -2.46
C ILE A 104 -22.11 14.49 -3.79
N SER A 105 -21.32 15.56 -3.71
CA SER A 105 -20.82 16.33 -4.87
C SER A 105 -19.29 16.41 -4.83
N ALA A 106 -18.63 16.14 -5.96
CA ALA A 106 -17.20 16.49 -6.13
C ALA A 106 -17.01 17.22 -7.47
N SER A 107 -18.04 17.94 -7.92
CA SER A 107 -18.00 18.74 -9.17
C SER A 107 -18.92 19.96 -9.04
N LEU A 108 -18.63 21.00 -9.84
CA LEU A 108 -19.53 22.17 -9.97
C LEU A 108 -20.89 21.73 -10.52
N ALA A 109 -20.89 20.81 -11.49
CA ALA A 109 -22.11 20.25 -12.13
C ALA A 109 -23.02 19.65 -11.08
N GLU A 110 -22.49 18.77 -10.21
CA GLU A 110 -23.28 18.09 -9.16
C GLU A 110 -23.78 19.14 -8.16
N LEU A 111 -22.88 20.04 -7.76
CA LEU A 111 -23.22 21.15 -6.84
C LEU A 111 -24.44 21.89 -7.39
N LYS A 112 -24.39 22.34 -8.65
CA LYS A 112 -25.49 23.11 -9.30
C LYS A 112 -26.79 22.31 -9.28
N GLU A 113 -26.71 21.03 -9.64
CA GLU A 113 -27.85 20.11 -9.85
C GLU A 113 -28.53 19.86 -8.50
N ILE A 114 -27.74 19.56 -7.46
CA ILE A 114 -28.30 19.30 -6.11
C ILE A 114 -29.00 20.58 -5.61
N MET A 115 -28.34 21.73 -5.71
CA MET A 115 -28.88 23.01 -5.17
C MET A 115 -30.07 23.47 -6.04
N GLY A 116 -30.04 23.13 -7.34
CA GLY A 116 -31.18 23.25 -8.27
C GLY A 116 -32.41 22.48 -7.78
N GLY A 117 -32.21 21.23 -7.37
CA GLY A 117 -33.27 20.30 -6.93
C GLY A 117 -34.06 20.81 -5.73
N GLY A 118 -33.46 21.74 -4.96
CA GLY A 118 -34.12 22.43 -3.83
C GLY A 118 -34.36 21.50 -2.65
N GLY A 119 -34.92 22.04 -1.57
CA GLY A 119 -35.20 21.27 -0.33
C GLY A 119 -33.93 20.86 0.40
N VAL A 120 -32.76 21.37 0.04
CA VAL A 120 -31.51 21.19 0.85
C VAL A 120 -31.72 21.88 2.19
N GLU A 121 -31.36 21.20 3.30
CA GLU A 121 -31.60 21.67 4.68
C GLU A 121 -30.28 21.83 5.46
N LEU A 122 -29.19 21.29 4.93
CA LEU A 122 -27.86 21.24 5.57
C LEU A 122 -26.79 21.06 4.50
N ILE A 123 -25.69 21.78 4.62
CA ILE A 123 -24.59 21.77 3.62
C ILE A 123 -23.28 21.59 4.39
N TYR A 124 -22.60 20.49 4.11
CA TYR A 124 -21.20 20.27 4.57
C TYR A 124 -20.26 20.57 3.42
N ILE A 125 -19.26 21.41 3.69
CA ILE A 125 -18.42 21.94 2.60
C ILE A 125 -17.09 22.34 3.20
N ASP A 126 -16.05 22.47 2.39
CA ASP A 126 -14.75 23.04 2.84
C ASP A 126 -14.64 24.49 2.36
N ILE A 127 -13.57 25.20 2.73
CA ILE A 127 -13.44 26.66 2.39
C ILE A 127 -13.23 26.77 0.87
N VAL A 128 -12.46 25.86 0.27
CA VAL A 128 -12.26 25.86 -1.21
C VAL A 128 -13.63 25.63 -1.87
N GLY A 129 -14.43 24.70 -1.34
CA GLY A 129 -15.80 24.43 -1.80
C GLY A 129 -16.71 25.65 -1.65
N LEU A 130 -16.56 26.41 -0.56
CA LEU A 130 -17.45 27.56 -0.27
C LEU A 130 -17.24 28.63 -1.34
N ALA A 131 -16.00 28.88 -1.74
CA ALA A 131 -15.67 29.79 -2.87
C ALA A 131 -16.42 29.35 -4.13
N GLN A 132 -16.45 28.04 -4.39
CA GLN A 132 -17.14 27.45 -5.56
C GLN A 132 -18.65 27.63 -5.44
N PHE A 133 -19.20 27.41 -4.24
CA PHE A 133 -20.63 27.57 -3.92
C PHE A 133 -21.09 28.99 -4.25
N LYS A 134 -20.36 29.96 -3.72
CA LYS A 134 -20.67 31.40 -3.93
C LYS A 134 -20.64 31.73 -5.42
N LYS A 135 -19.59 31.34 -6.13
CA LYS A 135 -19.46 31.63 -7.58
C LYS A 135 -20.56 30.94 -8.38
N THR A 136 -20.86 29.68 -8.07
CA THR A 136 -21.85 28.86 -8.80
C THR A 136 -23.27 29.40 -8.60
N LEU A 137 -23.67 29.76 -7.36
CA LEU A 137 -25.10 30.07 -7.09
C LEU A 137 -25.40 31.55 -7.36
N GLY A 138 -24.39 32.42 -7.28
CA GLY A 138 -24.52 33.87 -7.42
C GLY A 138 -24.99 34.46 -6.10
N PRO A 139 -25.68 35.62 -6.11
CA PRO A 139 -26.02 36.34 -4.88
C PRO A 139 -26.89 35.55 -3.88
N SER A 140 -27.68 34.61 -4.36
CA SER A 140 -28.62 33.84 -3.51
C SER A 140 -27.84 32.76 -2.73
N TRP A 141 -26.52 32.67 -2.90
CA TRP A 141 -25.70 31.78 -2.03
C TRP A 141 -25.97 32.16 -0.56
N VAL A 142 -26.22 33.44 -0.27
CA VAL A 142 -26.38 33.93 1.14
C VAL A 142 -27.70 33.38 1.68
N HIS A 143 -28.65 33.00 0.82
CA HIS A 143 -29.94 32.42 1.26
C HIS A 143 -29.69 31.13 2.03
N TYR A 144 -28.56 30.47 1.79
CA TYR A 144 -28.22 29.13 2.33
C TYR A 144 -27.15 29.24 3.41
N GLN A 145 -26.68 30.44 3.71
CA GLN A 145 -25.46 30.62 4.52
C GLN A 145 -25.64 29.97 5.89
N CYS A 146 -26.85 30.04 6.47
CA CYS A 146 -27.11 29.56 7.84
C CYS A 146 -27.10 28.01 7.88
N MET A 147 -27.18 27.34 6.72
CA MET A 147 -27.14 25.85 6.62
C MET A 147 -25.72 25.32 6.42
N LEU A 148 -24.72 26.19 6.25
CA LEU A 148 -23.33 25.76 6.00
C LEU A 148 -22.71 25.25 7.30
N ARG A 149 -21.97 24.17 7.18
CA ARG A 149 -21.02 23.60 8.18
C ARG A 149 -19.70 23.39 7.46
N VAL A 150 -18.70 24.16 7.84
CA VAL A 150 -17.51 24.37 6.99
C VAL A 150 -16.34 23.63 7.63
N LEU A 151 -15.91 22.55 6.97
CA LEU A 151 -14.80 21.71 7.46
C LEU A 151 -13.51 22.49 7.24
N ASP A 152 -12.91 22.90 8.34
CA ASP A 152 -11.75 23.81 8.42
C ASP A 152 -10.86 23.26 9.52
N SER A 153 -9.87 22.46 9.13
N SER A 153 -9.88 22.46 9.11
CA SER A 153 -9.09 21.61 10.05
CA SER A 153 -9.05 21.62 10.00
C SER A 153 -8.55 22.47 11.21
C SER A 153 -8.55 22.46 11.18
N PHE A 154 -7.89 23.59 10.91
CA PHE A 154 -7.08 24.34 11.91
C PHE A 154 -7.87 25.42 12.63
N GLY A 155 -9.10 25.73 12.20
CA GLY A 155 -9.94 26.68 12.93
C GLY A 155 -9.85 28.06 12.33
N THR A 156 -10.93 28.79 12.47
CA THR A 156 -11.07 30.20 12.04
C THR A 156 -11.44 31.04 13.27
N GLU A 157 -10.56 31.95 13.68
CA GLU A 157 -10.87 32.87 14.80
C GLU A 157 -11.68 34.08 14.31
N PRO A 158 -12.58 34.65 15.16
CA PRO A 158 -13.49 35.71 14.73
C PRO A 158 -12.81 36.89 14.03
N GLU A 159 -11.61 37.28 14.46
CA GLU A 159 -10.90 38.45 13.86
C GLU A 159 -10.53 38.21 12.40
N PHE A 160 -10.45 36.96 11.93
CA PHE A 160 -10.16 36.62 10.51
C PHE A 160 -11.45 36.40 9.74
N ASN A 161 -12.54 36.03 10.40
CA ASN A 161 -13.84 35.73 9.77
C ASN A 161 -14.59 37.02 9.38
N HIS A 162 -14.49 38.08 10.19
CA HIS A 162 -15.16 39.39 9.97
C HIS A 162 -14.38 40.13 8.89
N ALA A 163 -14.92 40.19 7.67
CA ALA A 163 -14.19 40.70 6.48
C ALA A 163 -13.66 42.10 6.77
N ASN A 164 -14.46 43.02 7.31
CA ASN A 164 -14.04 44.44 7.47
C ASN A 164 -12.98 44.57 8.57
N TYR A 165 -13.19 43.89 9.68
CA TYR A 165 -12.25 43.89 10.83
C TYR A 165 -10.91 43.29 10.41
N ALA A 166 -10.93 42.17 9.70
CA ALA A 166 -9.72 41.48 9.18
C ALA A 166 -8.95 42.45 8.28
N GLN A 167 -9.65 43.13 7.36
CA GLN A 167 -9.04 44.17 6.46
C GLN A 167 -8.39 45.25 7.33
N SER A 168 -9.09 45.72 8.37
CA SER A 168 -8.64 46.82 9.25
C SER A 168 -7.35 46.39 9.97
N LYS A 169 -7.16 45.10 10.22
CA LYS A 169 -5.98 44.56 10.95
C LYS A 169 -4.86 44.17 9.97
N GLY A 170 -5.09 44.27 8.67
CA GLY A 170 -4.15 43.84 7.61
C GLY A 170 -3.98 42.33 7.53
N HIS A 171 -4.98 41.54 7.92
CA HIS A 171 -5.00 40.06 7.71
C HIS A 171 -5.22 39.75 6.23
N LYS A 172 -4.23 39.14 5.57
CA LYS A 172 -4.25 38.82 4.11
C LYS A 172 -4.64 37.36 3.89
N THR A 173 -5.16 36.67 4.91
CA THR A 173 -5.51 35.23 4.80
C THR A 173 -6.35 35.04 3.54
N PRO A 174 -6.04 34.07 2.65
CA PRO A 174 -6.96 33.72 1.58
C PRO A 174 -8.12 32.81 2.04
N TRP A 175 -8.18 32.45 3.33
CA TRP A 175 -9.14 31.46 3.86
C TRP A 175 -10.27 32.13 4.64
N GLY A 176 -10.14 33.40 5.04
CA GLY A 176 -11.04 34.09 5.97
C GLY A 176 -12.06 34.96 5.26
N LYS A 177 -12.66 35.88 6.01
CA LYS A 177 -13.54 36.97 5.52
C LYS A 177 -14.84 36.42 4.97
N TRP A 178 -15.32 35.26 5.45
CA TRP A 178 -16.62 34.69 5.02
C TRP A 178 -17.81 35.28 5.82
N ASN A 179 -17.57 35.94 6.95
CA ASN A 179 -18.62 36.57 7.78
C ASN A 179 -19.68 35.53 8.18
N LEU A 180 -19.26 34.30 8.51
CA LEU A 180 -20.24 33.30 9.01
C LEU A 180 -20.38 33.49 10.52
N ASN A 181 -21.31 32.77 11.14
CA ASN A 181 -21.24 32.57 12.60
C ASN A 181 -20.06 31.60 12.80
N PRO A 182 -19.00 31.97 13.56
CA PRO A 182 -17.83 31.10 13.64
C PRO A 182 -18.07 29.68 14.17
N GLN A 183 -19.20 29.41 14.85
CA GLN A 183 -19.53 28.04 15.31
C GLN A 183 -19.84 27.16 14.09
N GLN A 184 -20.04 27.76 12.92
CA GLN A 184 -20.29 27.04 11.63
C GLN A 184 -18.99 26.39 11.08
N PHE A 185 -17.82 26.82 11.54
CA PHE A 185 -16.52 26.18 11.25
C PHE A 185 -16.37 24.95 12.12
N TYR A 186 -16.12 23.83 11.45
CA TYR A 186 -15.99 22.48 12.02
C TYR A 186 -14.52 22.10 11.98
N THR A 187 -13.91 21.80 13.13
CA THR A 187 -12.46 21.60 13.28
C THR A 187 -12.09 20.12 13.46
N MET A 188 -10.82 19.82 13.25
CA MET A 188 -10.26 18.45 13.31
C MET A 188 -10.11 18.05 14.79
N PHE A 189 -9.73 19.00 15.66
CA PHE A 189 -9.55 18.81 17.11
C PHE A 189 -10.21 19.97 17.85
N PRO A 190 -10.56 19.78 19.15
CA PRO A 190 -11.21 20.82 19.91
C PRO A 190 -10.19 21.84 20.41
N HIS A 191 -9.61 22.60 19.48
CA HIS A 191 -8.54 23.57 19.79
C HIS A 191 -9.08 25.01 19.74
N THR A 192 -10.26 25.23 19.15
CA THR A 192 -10.79 26.59 18.82
C THR A 192 -12.24 26.67 19.30
N PRO A 193 -12.51 27.11 20.56
CA PRO A 193 -13.87 27.13 21.09
C PRO A 193 -14.82 28.14 20.39
N ASP A 194 -14.27 29.07 19.65
CA ASP A 194 -15.07 29.91 18.70
C ASP A 194 -15.73 29.03 17.64
N ASN A 195 -15.16 27.85 17.37
CA ASN A 195 -15.67 26.95 16.30
C ASN A 195 -16.33 25.73 16.96
N SER A 196 -16.89 24.84 16.14
CA SER A 196 -17.38 23.51 16.58
C SER A 196 -16.30 22.47 16.30
N PHE A 197 -16.16 21.51 17.21
CA PHE A 197 -15.29 20.35 17.06
C PHE A 197 -16.04 19.26 16.28
N LEU A 198 -15.60 18.92 15.05
CA LEU A 198 -16.16 17.79 14.27
C LEU A 198 -15.37 16.51 14.57
N GLY A 199 -14.05 16.56 14.39
CA GLY A 199 -13.14 15.42 14.53
C GLY A 199 -13.36 14.36 13.47
N PHE A 200 -13.18 13.12 13.89
CA PHE A 200 -13.14 11.92 13.02
C PHE A 200 -13.11 10.72 13.97
N VAL A 201 -13.09 9.53 13.41
CA VAL A 201 -12.90 8.27 14.19
C VAL A 201 -11.47 7.78 14.03
N VAL A 202 -10.87 7.35 15.15
CA VAL A 202 -9.51 6.79 15.16
C VAL A 202 -9.59 5.30 14.78
N GLU A 203 -9.02 4.94 13.63
CA GLU A 203 -8.99 3.54 13.13
C GLU A 203 -8.09 2.68 14.04
N GLN A 204 -8.60 1.56 14.56
CA GLN A 204 -7.78 0.52 15.22
C GLN A 204 -8.50 -0.84 15.09
N HIS A 205 -7.75 -1.94 15.12
CA HIS A 205 -8.27 -3.29 14.75
C HIS A 205 -7.96 -4.32 15.84
N LEU A 206 -7.79 -3.87 17.09
CA LEU A 206 -7.49 -4.76 18.24
C LEU A 206 -8.81 -5.35 18.77
N ASN A 207 -8.77 -6.55 19.36
CA ASN A 207 -9.88 -7.15 20.16
C ASN A 207 -9.31 -7.71 21.48
N ILE A 214 -1.00 -9.25 24.00
CA ILE A 214 -0.74 -7.82 23.63
C ILE A 214 0.72 -7.47 23.96
N ASN A 215 1.25 -7.94 25.09
CA ASN A 215 2.67 -7.80 25.50
C ASN A 215 3.55 -8.68 24.61
N GLU A 216 2.97 -9.75 24.07
CA GLU A 216 3.64 -10.74 23.17
C GLU A 216 3.60 -10.23 21.72
N ILE A 217 2.54 -9.50 21.35
CA ILE A 217 2.39 -8.92 19.98
C ILE A 217 3.38 -7.76 19.84
N LYS A 218 3.49 -6.91 20.87
CA LYS A 218 4.28 -5.67 20.81
C LYS A 218 5.75 -5.99 21.08
N ARG A 219 6.63 -5.60 20.15
CA ARG A 219 8.10 -5.65 20.31
C ARG A 219 8.49 -4.45 21.19
N GLN A 220 8.91 -4.73 22.42
CA GLN A 220 9.22 -3.72 23.47
C GLN A 220 10.30 -2.76 22.95
N ASN A 221 11.06 -3.21 21.94
CA ASN A 221 12.32 -2.61 21.44
C ASN A 221 12.03 -1.72 20.20
N GLN A 222 10.79 -1.68 19.71
CA GLN A 222 10.47 -1.19 18.35
C GLN A 222 9.84 0.21 18.42
N SER A 223 10.51 1.18 17.82
CA SER A 223 10.01 2.56 17.67
C SER A 223 9.75 2.80 16.18
N LEU A 224 8.76 3.64 15.87
CA LEU A 224 8.35 3.96 14.50
C LEU A 224 8.27 5.48 14.39
N VAL A 225 8.96 6.03 13.40
CA VAL A 225 9.02 7.48 13.18
C VAL A 225 7.76 7.90 12.43
N TYR A 226 7.17 8.97 12.95
CA TYR A 226 6.01 9.68 12.35
C TYR A 226 6.60 10.66 11.35
N GLY A 227 6.40 10.44 10.05
CA GLY A 227 7.07 11.32 9.06
C GLY A 227 7.31 10.56 7.78
N LYS A 228 6.37 10.71 6.84
CA LYS A 228 6.31 9.85 5.63
C LYS A 228 7.00 10.56 4.46
N VAL A 229 7.65 11.70 4.74
CA VAL A 229 8.37 12.56 3.75
C VAL A 229 9.77 12.88 4.30
N ASP A 230 10.79 12.69 3.47
CA ASP A 230 12.22 12.81 3.82
C ASP A 230 12.51 14.17 4.48
N SER A 231 11.92 15.25 3.96
CA SER A 231 12.20 16.65 4.41
C SER A 231 11.90 16.80 5.91
N PHE A 232 10.92 16.05 6.42
CA PHE A 232 10.44 16.09 7.83
C PHE A 232 11.59 15.70 8.78
N TRP A 233 12.57 14.90 8.30
CA TRP A 233 13.66 14.29 9.10
C TRP A 233 14.89 15.22 9.24
N LYS A 234 14.88 16.38 8.58
CA LYS A 234 15.98 17.37 8.60
C LYS A 234 16.33 17.75 10.05
N ASN A 235 17.60 17.59 10.45
CA ASN A 235 18.19 18.08 11.72
C ASN A 235 17.62 17.30 12.92
N LYS A 236 17.31 16.02 12.75
CA LYS A 236 16.74 15.17 13.83
C LYS A 236 17.76 14.14 14.33
N LYS A 237 19.02 14.20 13.88
CA LYS A 237 19.92 13.02 14.04
C LYS A 237 20.30 12.82 15.50
N ILE A 238 20.59 13.85 16.30
CA ILE A 238 20.91 13.65 17.77
C ILE A 238 19.71 12.96 18.44
N TYR A 239 18.50 13.48 18.19
CA TYR A 239 17.20 12.98 18.71
C TYR A 239 17.09 11.49 18.37
N LEU A 240 17.17 11.17 17.08
CA LEU A 240 16.98 9.78 16.63
C LEU A 240 18.10 8.88 17.20
N ASP A 241 19.33 9.40 17.32
CA ASP A 241 20.50 8.65 17.88
C ASP A 241 20.21 8.25 19.34
N ILE A 242 19.63 9.15 20.15
CA ILE A 242 19.22 8.87 21.55
C ILE A 242 18.23 7.70 21.55
N ILE A 243 17.19 7.79 20.74
CA ILE A 243 16.13 6.75 20.68
C ILE A 243 16.77 5.43 20.23
N HIS A 244 17.65 5.48 19.22
CA HIS A 244 18.34 4.29 18.65
C HIS A 244 19.29 3.64 19.67
N THR A 245 19.77 4.39 20.66
CA THR A 245 20.54 3.84 21.81
C THR A 245 19.73 2.73 22.48
N TYR A 246 18.40 2.85 22.56
CA TYR A 246 17.50 1.94 23.32
C TYR A 246 16.56 1.10 22.47
N MET A 247 16.30 1.51 21.21
CA MET A 247 15.23 0.93 20.36
C MET A 247 15.70 0.86 18.90
N GLU A 248 15.13 -0.08 18.16
CA GLU A 248 15.18 -0.12 16.68
C GLU A 248 14.31 1.06 16.22
N VAL A 249 14.75 1.77 15.20
CA VAL A 249 14.01 2.92 14.62
C VAL A 249 13.50 2.49 13.25
N HIS A 250 12.17 2.35 13.13
CA HIS A 250 11.48 2.00 11.89
C HIS A 250 10.89 3.28 11.27
N ALA A 251 10.53 3.21 10.00
CA ALA A 251 10.00 4.34 9.21
C ALA A 251 9.05 3.85 8.13
N THR A 252 8.21 4.77 7.66
CA THR A 252 7.29 4.56 6.51
C THR A 252 7.49 5.77 5.59
N VAL A 253 8.64 5.86 4.90
CA VAL A 253 9.03 7.03 4.06
C VAL A 253 9.00 6.62 2.59
N TYR A 254 8.46 7.49 1.71
CA TYR A 254 8.28 7.26 0.26
C TYR A 254 9.61 7.41 -0.47
N THR A 258 16.12 9.93 0.25
CA THR A 258 16.26 9.32 1.60
C THR A 258 17.60 9.76 2.19
N LYS A 259 17.97 11.03 2.02
CA LYS A 259 19.30 11.55 2.41
C LYS A 259 19.23 12.09 3.85
N ASN A 260 18.03 12.34 4.39
CA ASN A 260 17.83 12.87 5.77
C ASN A 260 17.78 11.73 6.78
N ILE A 261 17.65 10.49 6.31
CA ILE A 261 17.25 9.30 7.11
C ILE A 261 18.49 8.51 7.49
N PRO A 262 18.87 8.42 8.79
CA PRO A 262 20.04 7.64 9.21
C PRO A 262 20.04 6.18 8.69
N SER A 263 21.24 5.65 8.44
CA SER A 263 21.47 4.31 7.84
C SER A 263 20.79 3.20 8.66
N TYR A 264 20.77 3.33 10.00
CA TYR A 264 20.20 2.33 10.95
C TYR A 264 18.67 2.23 10.87
N VAL A 265 17.99 3.21 10.25
CA VAL A 265 16.50 3.23 10.15
C VAL A 265 16.00 2.09 9.27
N LYS A 266 15.02 1.36 9.77
CA LYS A 266 14.34 0.27 9.04
C LYS A 266 13.11 0.85 8.33
N ASN A 267 13.26 1.20 7.05
CA ASN A 267 12.16 1.78 6.23
C ASN A 267 11.26 0.67 5.67
N HIS A 268 9.94 0.79 5.89
CA HIS A 268 8.87 -0.12 5.37
C HIS A 268 8.17 0.51 4.15
N GLY A 269 8.59 1.71 3.77
CA GLY A 269 7.91 2.52 2.73
C GLY A 269 6.52 2.96 3.16
N ILE A 270 5.78 3.58 2.24
CA ILE A 270 4.34 3.91 2.44
C ILE A 270 3.55 2.61 2.48
N LEU A 271 2.80 2.38 3.55
CA LEU A 271 2.05 1.12 3.77
C LEU A 271 0.57 1.34 3.47
N SER A 272 -0.12 0.28 3.05
CA SER A 272 -1.60 0.25 2.99
C SER A 272 -2.15 0.40 4.42
N GLY A 273 -3.44 0.69 4.56
CA GLY A 273 -4.11 0.89 5.85
C GLY A 273 -3.91 -0.30 6.75
N ARG A 274 -4.14 -1.52 6.25
CA ARG A 274 -4.13 -2.71 7.14
C ARG A 274 -2.68 -3.00 7.55
N ASP A 275 -1.70 -2.79 6.67
CA ASP A 275 -0.27 -3.07 6.95
C ASP A 275 0.26 -2.04 7.97
N LEU A 276 -0.11 -0.76 7.83
CA LEU A 276 0.25 0.30 8.81
C LEU A 276 -0.30 -0.08 10.18
N GLN A 277 -1.56 -0.52 10.24
CA GLN A 277 -2.23 -0.87 11.51
C GLN A 277 -1.48 -2.04 12.15
N PHE A 278 -1.01 -3.00 11.35
CA PHE A 278 -0.26 -4.15 11.88
C PHE A 278 1.04 -3.63 12.50
N LEU A 279 1.71 -2.69 11.81
CA LEU A 279 2.99 -2.14 12.25
C LEU A 279 2.76 -1.39 13.58
N LEU A 280 1.68 -0.61 13.71
CA LEU A 280 1.38 0.12 14.97
C LEU A 280 1.18 -0.88 16.11
N ARG A 281 0.47 -1.98 15.84
CA ARG A 281 0.10 -2.91 16.92
C ARG A 281 1.39 -3.57 17.43
N GLU A 282 2.46 -3.65 16.62
CA GLU A 282 3.73 -4.29 17.10
C GLU A 282 4.71 -3.22 17.60
N THR A 283 4.39 -1.93 17.54
CA THR A 283 5.34 -0.84 17.91
C THR A 283 5.13 -0.40 19.37
N LYS A 284 6.22 -0.14 20.10
CA LYS A 284 6.12 0.38 21.49
C LYS A 284 5.99 1.90 21.47
N LEU A 285 6.74 2.57 20.60
CA LEU A 285 6.91 4.05 20.65
C LEU A 285 6.71 4.63 19.24
N PHE A 286 5.82 5.61 19.12
CA PHE A 286 5.60 6.40 17.87
C PHE A 286 6.29 7.75 18.05
N VAL A 287 7.24 8.06 17.18
CA VAL A 287 8.22 9.16 17.37
C VAL A 287 7.83 10.36 16.50
N GLY A 288 7.44 11.46 17.15
CA GLY A 288 7.17 12.74 16.47
C GLY A 288 8.46 13.44 16.14
N LEU A 289 8.52 14.08 14.97
CA LEU A 289 9.72 14.86 14.54
C LEU A 289 9.45 16.36 14.69
N GLY A 290 8.19 16.77 14.87
CA GLY A 290 7.80 18.19 14.98
C GLY A 290 6.80 18.58 13.93
N PHE A 291 6.77 17.86 12.82
CA PHE A 291 5.84 18.08 11.71
C PHE A 291 5.45 16.70 11.22
N PRO A 292 4.20 16.40 10.78
CA PRO A 292 3.12 17.39 10.64
C PRO A 292 2.39 17.73 11.96
N TYR A 293 1.67 18.85 11.95
CA TYR A 293 0.88 19.37 13.08
C TYR A 293 -0.51 18.73 13.09
N GLU A 294 -0.93 18.24 14.26
CA GLU A 294 -2.36 17.96 14.52
C GLU A 294 -2.94 17.05 13.44
N GLY A 295 -2.29 15.91 13.24
CA GLY A 295 -2.80 14.86 12.35
C GLY A 295 -3.49 13.73 13.11
N PRO A 296 -4.18 12.83 12.40
CA PRO A 296 -4.77 11.64 13.03
C PRO A 296 -3.75 10.57 13.49
N ALA A 297 -2.56 10.49 12.89
CA ALA A 297 -1.65 9.32 13.01
C ALA A 297 -1.30 9.07 14.48
N PRO A 298 -0.95 10.09 15.29
CA PRO A 298 -0.59 9.84 16.70
C PRO A 298 -1.75 9.21 17.47
N LEU A 299 -3.00 9.58 17.18
CA LEU A 299 -4.15 8.96 17.89
C LEU A 299 -4.29 7.49 17.47
N GLU A 300 -4.05 7.20 16.18
CA GLU A 300 -4.06 5.79 15.69
C GLU A 300 -3.01 4.99 16.49
N ALA A 301 -1.81 5.57 16.70
CA ALA A 301 -0.71 4.91 17.42
C ALA A 301 -1.16 4.62 18.85
N ILE A 302 -1.74 5.61 19.52
CA ILE A 302 -2.16 5.52 20.94
C ILE A 302 -3.31 4.51 21.06
N ALA A 303 -4.23 4.46 20.09
CA ALA A 303 -5.35 3.48 20.09
C ALA A 303 -4.80 2.05 19.99
N ASN A 304 -3.57 1.88 19.47
CA ASN A 304 -2.89 0.56 19.24
C ASN A 304 -1.88 0.29 20.37
N GLY A 305 -1.89 1.09 21.44
CA GLY A 305 -1.06 0.87 22.63
C GLY A 305 0.33 1.43 22.48
N CYS A 306 0.61 2.21 21.42
CA CYS A 306 1.91 2.89 21.28
C CYS A 306 1.92 4.11 22.24
N ALA A 307 3.06 4.45 22.80
CA ALA A 307 3.28 5.76 23.41
C ALA A 307 3.69 6.70 22.27
N PHE A 308 3.37 7.98 22.39
CA PHE A 308 3.72 9.04 21.41
C PHE A 308 4.71 9.99 22.06
N LEU A 309 5.87 10.12 21.43
CA LEU A 309 6.90 11.12 21.79
C LEU A 309 6.56 12.39 20.99
N ASN A 310 6.14 13.43 21.71
CA ASN A 310 5.43 14.62 21.16
C ASN A 310 6.35 15.82 21.38
N PRO A 311 7.04 16.29 20.32
CA PRO A 311 7.94 17.43 20.46
C PRO A 311 7.21 18.65 21.04
N LYS A 312 7.81 19.21 22.08
CA LYS A 312 7.33 20.42 22.80
C LYS A 312 7.81 21.67 22.04
N PHE A 313 6.93 22.65 21.83
CA PHE A 313 7.22 23.94 21.16
C PHE A 313 7.27 25.08 22.18
N ASN A 314 8.47 25.64 22.34
CA ASN A 314 8.69 26.78 23.25
C ASN A 314 9.70 27.68 22.55
N PRO A 315 9.28 28.80 21.93
CA PRO A 315 7.91 29.31 22.05
C PRO A 315 6.90 28.49 21.24
N PRO A 316 5.59 28.59 21.59
CA PRO A 316 4.56 27.87 20.84
C PRO A 316 4.50 28.35 19.39
N LYS A 317 4.15 27.47 18.46
CA LYS A 317 4.21 27.76 17.00
C LYS A 317 2.89 28.41 16.55
N SER A 318 2.98 29.40 15.69
CA SER A 318 1.80 30.14 15.17
C SER A 318 2.23 30.86 13.90
N SER A 319 1.30 31.59 13.27
CA SER A 319 1.55 32.38 12.05
C SER A 319 2.61 33.46 12.31
N LYS A 320 2.92 33.73 13.59
CA LYS A 320 3.93 34.72 14.04
C LYS A 320 5.38 34.20 13.91
N ASN A 321 5.63 32.89 13.91
CA ASN A 321 7.01 32.35 13.86
C ASN A 321 7.15 31.14 12.94
N THR A 322 6.08 30.68 12.25
CA THR A 322 6.10 29.41 11.48
C THR A 322 5.41 29.57 10.13
N ASP A 323 6.19 29.35 9.06
CA ASP A 323 5.80 29.53 7.65
C ASP A 323 4.47 28.82 7.38
N PHE A 324 4.34 27.58 7.85
CA PHE A 324 3.15 26.73 7.61
C PHE A 324 1.86 27.47 7.94
N PHE A 325 1.87 28.28 9.01
CA PHE A 325 0.68 28.92 9.62
C PHE A 325 0.43 30.30 9.01
N ILE A 326 1.36 30.87 8.24
CA ILE A 326 1.19 32.23 7.67
C ILE A 326 -0.01 32.16 6.72
N GLY A 327 -0.96 33.05 6.86
CA GLY A 327 -2.12 33.05 5.94
C GLY A 327 -3.25 32.16 6.43
N LYS A 328 -3.04 31.33 7.47
CA LYS A 328 -4.18 30.57 8.08
C LYS A 328 -5.02 31.53 8.91
N PRO A 329 -6.36 31.35 8.95
CA PRO A 329 -7.27 32.33 9.55
C PRO A 329 -7.39 32.26 11.07
N THR A 330 -6.24 32.21 11.75
CA THR A 330 -6.14 32.07 13.21
C THR A 330 -4.76 32.51 13.69
N LEU A 331 -4.69 33.00 14.92
CA LEU A 331 -3.42 33.30 15.62
C LEU A 331 -3.17 32.22 16.66
N ARG A 332 -3.94 31.12 16.64
CA ARG A 332 -3.77 30.10 17.68
C ARG A 332 -2.31 29.60 17.69
N GLU A 333 -1.82 29.33 18.88
CA GLU A 333 -0.43 28.87 19.15
C GLU A 333 -0.46 27.40 19.55
N LEU A 334 0.39 26.59 18.93
CA LEU A 334 0.52 25.15 19.21
C LEU A 334 1.66 24.95 20.23
N THR A 335 1.36 24.37 21.37
CA THR A 335 2.38 24.13 22.43
C THR A 335 3.21 22.88 22.16
N SER A 336 2.83 22.07 21.16
CA SER A 336 3.53 20.83 20.80
C SER A 336 3.07 20.42 19.41
N GLN A 337 3.67 19.37 18.86
CA GLN A 337 3.27 18.87 17.52
C GLN A 337 1.78 18.51 17.52
N HIS A 338 1.28 17.96 18.63
CA HIS A 338 -0.13 17.49 18.76
C HIS A 338 -0.69 17.98 20.08
N PRO A 339 -1.18 19.24 20.18
CA PRO A 339 -1.63 19.78 21.47
C PRO A 339 -2.80 19.00 22.10
N TYR A 340 -3.69 18.42 21.28
CA TYR A 340 -4.81 17.59 21.81
C TYR A 340 -4.20 16.41 22.60
N ALA A 341 -3.30 15.66 21.99
CA ALA A 341 -2.57 14.51 22.59
C ALA A 341 -1.92 14.99 23.90
N GLU A 342 -1.22 16.12 23.87
CA GLU A 342 -0.53 16.70 25.02
C GLU A 342 -1.49 16.95 26.17
N VAL A 343 -2.58 17.66 25.90
CA VAL A 343 -3.41 18.28 26.96
C VAL A 343 -4.54 17.32 27.33
N PHE A 344 -5.17 16.66 26.36
CA PHE A 344 -6.38 15.84 26.64
C PHE A 344 -6.00 14.36 26.84
N ILE A 345 -4.75 13.95 26.59
CA ILE A 345 -4.32 12.54 26.84
C ILE A 345 -3.19 12.54 27.86
N GLY A 346 -2.03 13.10 27.50
CA GLY A 346 -0.90 13.22 28.42
C GLY A 346 -0.30 11.88 28.79
N ARG A 347 0.61 11.88 29.76
CA ARG A 347 1.35 10.65 30.17
C ARG A 347 0.33 9.67 30.75
N PRO A 348 0.50 8.35 30.59
CA PRO A 348 1.70 7.72 30.04
C PRO A 348 1.73 7.52 28.52
N HIS A 349 0.59 7.81 27.87
CA HIS A 349 0.43 7.57 26.42
C HIS A 349 1.21 8.60 25.62
N VAL A 350 1.35 9.81 26.16
CA VAL A 350 1.97 10.95 25.43
C VAL A 350 3.01 11.60 26.32
N TRP A 351 4.23 11.65 25.83
CA TRP A 351 5.38 12.30 26.48
C TRP A 351 5.77 13.52 25.67
N THR A 352 5.50 14.69 26.21
CA THR A 352 5.73 15.97 25.51
C THR A 352 7.09 16.47 25.97
N VAL A 353 8.07 16.46 25.08
CA VAL A 353 9.51 16.65 25.47
C VAL A 353 10.16 17.68 24.55
N ASP A 354 11.04 18.46 25.17
CA ASP A 354 12.03 19.38 24.54
C ASP A 354 13.05 18.51 23.79
N LEU A 355 13.00 18.53 22.45
CA LEU A 355 13.91 17.72 21.61
C LEU A 355 15.39 18.09 21.86
N ASN A 356 15.68 19.26 22.44
CA ASN A 356 17.07 19.78 22.67
C ASN A 356 17.54 19.43 24.09
N ASN A 357 16.68 18.78 24.88
CA ASN A 357 17.03 18.28 26.23
C ASN A 357 17.31 16.79 26.08
N GLN A 358 18.55 16.42 25.74
CA GLN A 358 18.96 15.01 25.48
C GLN A 358 18.63 14.16 26.71
N GLU A 359 18.82 14.71 27.91
CA GLU A 359 18.55 14.00 29.19
C GLU A 359 17.04 13.72 29.30
N GLU A 360 16.18 14.69 28.94
CA GLU A 360 14.71 14.55 29.01
C GLU A 360 14.24 13.53 27.97
N VAL A 361 14.81 13.57 26.76
CA VAL A 361 14.49 12.59 25.68
C VAL A 361 14.90 11.17 26.14
N GLU A 362 16.13 11.01 26.63
CA GLU A 362 16.61 9.68 27.10
C GLU A 362 15.71 9.19 28.24
N ASP A 363 15.39 10.05 29.21
CA ASP A 363 14.52 9.68 30.37
C ASP A 363 13.14 9.23 29.87
N ALA A 364 12.56 9.94 28.87
CA ALA A 364 11.25 9.59 28.29
C ALA A 364 11.32 8.22 27.62
N VAL A 365 12.35 7.95 26.82
CA VAL A 365 12.50 6.67 26.08
C VAL A 365 12.62 5.54 27.12
N LYS A 366 13.44 5.73 28.16
CA LYS A 366 13.65 4.67 29.19
C LYS A 366 12.31 4.43 29.90
N ALA A 367 11.57 5.50 30.18
CA ALA A 367 10.27 5.42 30.90
C ALA A 367 9.32 4.60 30.05
N ILE A 368 9.20 4.98 28.77
CA ILE A 368 8.25 4.33 27.83
C ILE A 368 8.61 2.85 27.70
N LEU A 369 9.90 2.50 27.61
CA LEU A 369 10.38 1.09 27.55
C LEU A 369 9.81 0.30 28.72
N ASN A 370 9.75 0.94 29.90
CA ASN A 370 9.36 0.33 31.20
C ASN A 370 7.85 0.47 31.48
N GLN A 371 7.10 1.10 30.56
CA GLN A 371 5.65 1.28 30.73
C GLN A 371 4.88 -0.01 30.41
N LYS A 372 3.80 -0.21 31.16
CA LYS A 372 2.74 -1.20 30.83
C LYS A 372 1.91 -0.67 29.65
N ILE A 373 1.58 -1.52 28.69
CA ILE A 373 0.86 -1.16 27.44
C ILE A 373 -0.62 -1.02 27.78
N GLU A 374 -1.22 0.11 27.42
CA GLU A 374 -2.62 0.46 27.74
C GLU A 374 -3.19 1.12 26.48
N PRO A 375 -3.74 0.35 25.51
CA PRO A 375 -4.42 0.95 24.35
C PRO A 375 -5.52 1.89 24.85
N TYR A 376 -5.63 3.08 24.25
CA TYR A 376 -6.56 4.12 24.73
C TYR A 376 -7.08 4.94 23.55
N MET A 377 -8.37 5.24 23.56
N MET A 377 -8.38 5.23 23.56
CA MET A 377 -9.09 6.10 22.59
CA MET A 377 -9.07 6.12 22.58
C MET A 377 -10.04 7.00 23.38
C MET A 377 -10.02 7.00 23.37
N PRO A 378 -9.95 8.34 23.26
CA PRO A 378 -10.96 9.20 23.88
C PRO A 378 -12.31 8.91 23.22
N TYR A 379 -13.39 8.92 23.99
CA TYR A 379 -14.74 8.56 23.56
C TYR A 379 -15.10 9.38 22.31
N GLU A 380 -14.77 10.66 22.30
CA GLU A 380 -15.13 11.58 21.18
C GLU A 380 -14.49 11.12 19.85
N PHE A 381 -13.42 10.32 19.88
CA PHE A 381 -12.78 9.77 18.65
C PHE A 381 -13.16 8.32 18.39
N THR A 382 -14.21 7.81 19.03
CA THR A 382 -14.78 6.49 18.72
C THR A 382 -15.93 6.66 17.73
N CYS A 383 -16.31 5.57 17.06
CA CYS A 383 -17.49 5.57 16.17
C CYS A 383 -18.72 6.10 16.93
N GLU A 384 -18.99 5.56 18.14
CA GLU A 384 -20.21 5.92 18.85
C GLU A 384 -20.11 7.37 19.33
N GLY A 385 -18.91 7.80 19.76
CA GLY A 385 -18.69 9.19 20.20
C GLY A 385 -18.92 10.18 19.08
N MET A 386 -18.44 9.87 17.87
CA MET A 386 -18.62 10.76 16.71
C MET A 386 -20.08 10.79 16.31
N LEU A 387 -20.77 9.64 16.25
CA LEU A 387 -22.22 9.61 15.92
C LEU A 387 -23.02 10.46 16.91
N GLN A 388 -22.77 10.33 18.21
CA GLN A 388 -23.46 11.10 19.27
C GLN A 388 -23.25 12.60 19.04
N ARG A 389 -22.02 13.01 18.75
CA ARG A 389 -21.67 14.43 18.54
C ARG A 389 -22.36 14.97 17.28
N ILE A 390 -22.22 14.30 16.14
CA ILE A 390 -22.79 14.84 14.88
C ILE A 390 -24.33 14.76 14.94
N ASN A 391 -24.91 13.74 15.59
CA ASN A 391 -26.38 13.68 15.78
C ASN A 391 -26.83 14.91 16.58
N ALA A 392 -26.09 15.25 17.63
CA ALA A 392 -26.45 16.39 18.50
C ALA A 392 -26.36 17.66 17.67
N PHE A 393 -25.29 17.82 16.89
CA PHE A 393 -25.14 19.01 16.04
C PHE A 393 -26.31 19.13 15.06
N ILE A 394 -26.64 18.05 14.37
CA ILE A 394 -27.71 18.07 13.33
C ILE A 394 -29.05 18.41 13.97
N GLU A 395 -29.36 17.80 15.11
CA GLU A 395 -30.68 17.95 15.77
C GLU A 395 -30.76 19.30 16.48
N LYS A 396 -29.68 19.80 17.06
CA LYS A 396 -29.75 20.91 18.06
C LYS A 396 -29.09 22.21 17.58
N GLN A 397 -28.13 22.15 16.68
CA GLN A 397 -27.36 23.35 16.26
C GLN A 397 -28.15 24.05 15.14
N ASP A 398 -28.61 25.28 15.37
CA ASP A 398 -29.47 25.97 14.39
C ASP A 398 -29.03 27.43 14.31
N PHE A 399 -28.52 27.85 13.17
CA PHE A 399 -28.06 29.24 12.92
C PHE A 399 -29.13 29.97 12.09
N CYS A 400 -30.26 29.30 11.81
CA CYS A 400 -31.34 29.80 10.90
C CYS A 400 -32.53 30.38 11.71
N HIS A 401 -32.47 30.43 13.06
CA HIS A 401 -33.44 31.14 13.95
C HIS A 401 -34.82 30.48 13.91
N VAL A 404 -35.22 26.88 21.48
CA VAL A 404 -34.27 26.45 20.41
C VAL A 404 -32.84 26.87 20.79
N MET A 405 -32.68 27.82 21.71
CA MET A 405 -31.34 28.31 22.16
C MET A 405 -30.48 27.13 22.63
N TRP A 406 -29.37 26.82 21.92
CA TRP A 406 -28.53 25.62 22.19
C TRP A 406 -27.06 25.99 22.01
N PRO A 407 -26.17 25.71 22.97
CA PRO A 407 -26.54 25.10 24.26
C PRO A 407 -27.51 25.93 25.12
N PRO A 408 -28.22 25.29 26.08
CA PRO A 408 -29.15 26.01 26.93
C PRO A 408 -28.41 26.93 27.90
N LEU A 409 -29.06 28.06 28.20
CA LEU A 409 -28.53 29.13 29.09
C LEU A 409 -28.19 28.56 30.47
N SER A 410 -28.89 27.50 30.92
CA SER A 410 -28.55 26.76 32.18
C SER A 410 -27.06 26.44 32.26
N ALA A 411 -26.35 26.23 31.13
CA ALA A 411 -24.95 25.76 31.11
C ALA A 411 -23.94 26.89 31.36
N LEU A 412 -24.40 28.13 31.26
CA LEU A 412 -23.52 29.32 31.38
C LEU A 412 -22.92 29.38 32.78
N GLN A 413 -21.59 29.43 32.84
CA GLN A 413 -20.79 29.81 34.01
C GLN A 413 -19.88 30.97 33.58
N VAL A 414 -20.00 32.12 34.23
CA VAL A 414 -19.26 33.35 33.84
C VAL A 414 -17.94 33.36 34.61
N LYS A 415 -16.85 33.63 33.92
CA LYS A 415 -15.51 33.79 34.53
C LYS A 415 -14.95 35.12 34.05
N LEU A 416 -14.07 35.71 34.86
CA LEU A 416 -13.36 36.96 34.54
C LEU A 416 -11.91 36.60 34.26
N ALA A 417 -11.50 36.77 33.01
CA ALA A 417 -10.12 36.59 32.54
C ALA A 417 -9.30 37.76 33.09
N GLU A 418 -8.16 37.44 33.70
CA GLU A 418 -7.13 38.42 34.11
C GLU A 418 -6.52 39.05 32.87
N PRO A 419 -5.94 40.27 32.97
CA PRO A 419 -5.11 40.82 31.91
C PRO A 419 -4.09 39.80 31.41
N GLY A 420 -3.92 39.70 30.08
CA GLY A 420 -2.99 38.75 29.43
C GLY A 420 -3.59 37.36 29.29
N GLN A 421 -4.84 37.16 29.72
CA GLN A 421 -5.57 35.86 29.69
C GLN A 421 -6.78 35.96 28.76
N SER A 422 -6.95 35.00 27.84
CA SER A 422 -8.11 34.92 26.91
C SER A 422 -9.28 34.27 27.61
N CYS A 423 -10.49 34.42 27.05
CA CYS A 423 -11.67 33.66 27.49
C CYS A 423 -11.42 32.16 27.29
N LYS A 424 -10.76 31.74 26.21
CA LYS A 424 -10.43 30.31 26.02
C LYS A 424 -9.67 29.80 27.26
N GLN A 425 -8.64 30.53 27.65
CA GLN A 425 -7.70 30.13 28.75
C GLN A 425 -8.42 30.08 30.09
N VAL A 426 -9.22 31.09 30.41
CA VAL A 426 -9.86 31.21 31.76
C VAL A 426 -10.89 30.08 31.92
N CYS A 427 -11.65 29.75 30.88
CA CYS A 427 -12.61 28.61 30.96
C CYS A 427 -11.79 27.34 31.17
N GLN A 428 -10.76 27.10 30.36
CA GLN A 428 -9.93 25.86 30.37
C GLN A 428 -9.32 25.68 31.77
N GLU A 429 -8.88 26.76 32.42
CA GLU A 429 -8.22 26.73 33.77
C GLU A 429 -9.22 26.30 34.85
N SER A 430 -10.54 26.39 34.61
CA SER A 430 -11.61 25.90 35.52
C SER A 430 -12.13 24.52 35.08
N GLN A 431 -11.44 23.81 34.18
CA GLN A 431 -11.95 22.56 33.55
C GLN A 431 -13.32 22.84 32.92
N LEU A 432 -13.47 23.99 32.27
CA LEU A 432 -14.67 24.34 31.45
C LEU A 432 -14.20 24.60 30.02
N ILE A 433 -15.10 25.05 29.16
CA ILE A 433 -14.74 25.48 27.78
C ILE A 433 -15.57 26.71 27.47
N CYS A 434 -14.95 27.66 26.79
CA CYS A 434 -15.62 28.89 26.34
C CYS A 434 -16.80 28.49 25.42
N GLU A 435 -17.91 29.17 25.60
CA GLU A 435 -19.16 28.96 24.83
C GLU A 435 -19.58 30.27 24.22
N PRO A 436 -19.18 30.53 22.95
CA PRO A 436 -19.38 31.85 22.36
C PRO A 436 -20.84 32.21 22.11
N SER A 437 -21.75 31.23 22.09
CA SER A 437 -23.19 31.47 21.90
C SER A 437 -23.77 32.24 23.11
N PHE A 438 -23.06 32.29 24.23
CA PHE A 438 -23.51 32.98 25.48
C PHE A 438 -22.99 34.42 25.61
N PHE A 439 -22.12 34.91 24.73
CA PHE A 439 -21.58 36.30 24.84
C PHE A 439 -22.72 37.32 24.78
N GLN A 440 -23.75 37.06 23.96
CA GLN A 440 -24.93 37.94 23.82
C GLN A 440 -25.60 38.20 25.19
N HIS A 441 -25.43 37.33 26.19
CA HIS A 441 -26.04 37.44 27.53
C HIS A 441 -25.14 38.19 28.51
N LEU A 442 -23.99 38.70 28.05
CA LEU A 442 -22.95 39.30 28.91
C LEU A 442 -22.62 40.72 28.45
N ASN A 443 -23.55 41.38 27.74
CA ASN A 443 -23.15 42.55 26.92
C ASN A 443 -23.96 43.81 27.23
N LYS A 444 -24.38 44.03 28.49
CA LYS A 444 -24.90 45.35 28.96
C LYS A 444 -24.92 45.41 30.48
N ASP A 445 -25.01 46.64 31.04
CA ASP A 445 -24.90 46.97 32.50
C ASP A 445 -25.75 46.02 33.33
N LYS A 446 -27.02 45.84 32.94
CA LYS A 446 -28.06 45.06 33.67
C LYS A 446 -27.61 43.60 33.81
N ASP A 447 -27.19 43.02 32.69
CA ASP A 447 -26.70 41.62 32.59
C ASP A 447 -25.48 41.46 33.54
N MET A 448 -24.60 42.47 33.63
CA MET A 448 -23.33 42.44 34.41
C MET A 448 -23.59 42.40 35.92
N LEU A 449 -24.66 43.04 36.40
CA LEU A 449 -25.05 43.04 37.84
C LEU A 449 -25.23 41.59 38.28
N LYS A 450 -26.01 40.81 37.51
CA LYS A 450 -26.26 39.35 37.70
C LYS A 450 -24.98 38.59 38.11
N TYR A 451 -23.84 38.92 37.49
CA TYR A 451 -22.55 38.21 37.66
C TYR A 451 -21.63 39.06 38.56
N LYS A 452 -22.24 39.97 39.34
CA LYS A 452 -21.59 40.75 40.43
C LYS A 452 -20.36 41.52 39.89
N VAL A 453 -20.47 42.03 38.67
CA VAL A 453 -19.61 43.13 38.12
C VAL A 453 -20.51 44.36 38.01
N THR A 454 -20.03 45.50 38.52
CA THR A 454 -20.79 46.77 38.64
C THR A 454 -20.10 47.83 37.78
N CYS A 455 -20.75 48.21 36.68
CA CYS A 455 -20.23 49.20 35.71
C CYS A 455 -20.59 50.60 36.21
N GLN A 456 -19.63 51.30 36.81
CA GLN A 456 -19.81 52.72 37.25
C GLN A 456 -19.94 53.59 35.98
N SER A 457 -19.20 53.25 34.93
CA SER A 457 -19.34 53.80 33.55
C SER A 457 -19.25 52.66 32.51
N SER A 458 -19.60 52.95 31.26
CA SER A 458 -19.49 52.01 30.13
C SER A 458 -19.41 52.76 28.80
N GLU A 459 -18.94 52.06 27.76
CA GLU A 459 -18.90 52.52 26.34
C GLU A 459 -19.07 51.28 25.46
N LEU A 460 -19.28 51.48 24.16
CA LEU A 460 -19.27 50.41 23.13
C LEU A 460 -17.94 50.48 22.36
N ALA A 461 -17.44 49.33 21.92
CA ALA A 461 -16.26 49.19 21.06
C ALA A 461 -16.52 48.00 20.13
N LYS A 462 -16.06 48.10 18.87
CA LYS A 462 -16.00 46.99 17.90
C LYS A 462 -14.59 46.40 18.01
N ASP A 463 -14.43 45.46 18.92
CA ASP A 463 -13.13 44.85 19.34
C ASP A 463 -13.39 43.39 19.72
N ILE A 464 -12.51 42.48 19.33
CA ILE A 464 -12.61 41.03 19.74
C ILE A 464 -12.38 40.90 21.26
N LEU A 465 -11.86 41.93 21.95
CA LEU A 465 -11.43 41.77 23.38
C LEU A 465 -12.52 42.21 24.36
N VAL A 466 -13.73 42.54 23.88
CA VAL A 466 -14.84 42.99 24.74
C VAL A 466 -15.99 41.99 24.65
N PRO A 467 -16.88 41.84 25.67
CA PRO A 467 -16.92 42.70 26.87
C PRO A 467 -15.72 42.66 27.84
N SER A 468 -15.30 43.86 28.27
CA SER A 468 -14.13 44.06 29.16
C SER A 468 -14.55 44.87 30.40
N PHE A 469 -13.85 44.65 31.51
CA PHE A 469 -14.07 45.30 32.82
C PHE A 469 -12.73 45.84 33.32
N ASP A 470 -12.65 47.15 33.60
CA ASP A 470 -11.55 47.75 34.39
C ASP A 470 -12.01 47.79 35.84
N PRO A 471 -11.51 46.88 36.71
CA PRO A 471 -12.04 46.73 38.07
C PRO A 471 -11.52 47.83 39.02
N LYS A 472 -10.55 48.61 38.55
CA LYS A 472 -9.93 49.76 39.24
C LYS A 472 -10.83 50.99 39.05
N ASN A 473 -11.26 51.23 37.81
CA ASN A 473 -12.12 52.39 37.41
C ASN A 473 -13.60 51.97 37.38
N LYS A 474 -13.88 50.68 37.52
CA LYS A 474 -15.26 50.12 37.43
C LYS A 474 -15.88 50.51 36.08
N HIS A 475 -15.06 50.49 35.02
CA HIS A 475 -15.44 50.84 33.63
C HIS A 475 -15.65 49.56 32.80
N CYS A 476 -16.80 49.43 32.16
CA CYS A 476 -17.17 48.31 31.25
C CYS A 476 -17.17 48.79 29.79
N VAL A 477 -16.41 48.13 28.91
CA VAL A 477 -16.56 48.26 27.44
C VAL A 477 -17.37 47.07 26.92
N PHE A 478 -18.46 47.33 26.20
CA PHE A 478 -19.40 46.32 25.64
C PHE A 478 -19.17 46.21 24.13
N GLN A 479 -19.59 45.07 23.59
CA GLN A 479 -19.36 44.76 22.17
C GLN A 479 -20.36 45.55 21.31
N GLY A 480 -19.87 46.31 20.32
CA GLY A 480 -20.74 47.02 19.37
C GLY A 480 -20.94 46.28 18.05
N ASP A 481 -20.20 45.21 17.79
CA ASP A 481 -20.35 44.40 16.55
C ASP A 481 -20.43 42.96 16.98
N LEU A 482 -21.63 42.39 16.99
CA LEU A 482 -21.87 41.04 17.56
C LEU A 482 -21.05 39.97 16.82
N LEU A 483 -20.63 40.23 15.57
CA LEU A 483 -19.81 39.26 14.80
C LEU A 483 -18.36 39.26 15.34
N LEU A 484 -18.00 40.18 16.26
CA LEU A 484 -16.63 40.22 16.82
C LEU A 484 -16.54 39.52 18.18
N PHE A 485 -17.60 38.93 18.70
CA PHE A 485 -17.50 38.11 19.94
C PHE A 485 -16.48 36.99 19.72
N SER A 486 -15.55 36.83 20.65
CA SER A 486 -14.34 36.00 20.43
C SER A 486 -13.89 35.36 21.75
N CYS A 487 -13.88 34.05 21.83
CA CYS A 487 -13.17 33.30 22.93
C CYS A 487 -11.67 33.61 22.88
N ALA A 488 -11.09 33.65 21.68
CA ALA A 488 -9.67 33.98 21.44
C ALA A 488 -9.42 35.45 21.81
N GLY A 489 -8.24 35.68 22.38
CA GLY A 489 -7.70 37.03 22.57
C GLY A 489 -7.66 37.41 24.04
N ALA A 490 -6.56 38.02 24.46
CA ALA A 490 -6.35 38.47 25.85
C ALA A 490 -6.29 40.00 25.87
N HIS A 491 -7.00 40.62 26.81
CA HIS A 491 -6.93 42.08 27.05
C HIS A 491 -5.60 42.38 27.75
N PRO A 492 -4.75 43.28 27.22
CA PRO A 492 -3.46 43.58 27.84
C PRO A 492 -3.57 44.32 29.18
N ARG A 493 -4.67 45.06 29.40
CA ARG A 493 -4.86 45.96 30.58
C ARG A 493 -6.04 45.48 31.45
N HIS A 494 -7.17 45.15 30.82
CA HIS A 494 -8.47 44.93 31.50
C HIS A 494 -8.73 43.42 31.71
N GLN A 495 -9.75 43.13 32.52
CA GLN A 495 -10.38 41.79 32.66
C GLN A 495 -11.37 41.56 31.51
N ARG A 496 -11.45 40.34 30.98
CA ARG A 496 -12.51 39.98 30.00
C ARG A 496 -13.61 39.29 30.78
N VAL A 497 -14.86 39.58 30.41
CA VAL A 497 -16.05 38.87 30.93
C VAL A 497 -16.30 37.71 29.97
N CYS A 498 -16.19 36.49 30.48
CA CYS A 498 -16.02 35.27 29.64
C CYS A 498 -17.15 34.30 29.87
N PRO A 499 -17.84 33.84 28.80
CA PRO A 499 -18.86 32.81 28.92
C PRO A 499 -18.23 31.42 28.83
N CYS A 500 -18.36 30.64 29.90
CA CYS A 500 -17.90 29.23 29.94
C CYS A 500 -19.12 28.32 29.99
N ARG A 501 -18.90 27.05 29.62
CA ARG A 501 -19.86 25.95 29.86
C ARG A 501 -19.08 24.73 30.37
N ASP A 502 -19.83 23.85 31.04
CA ASP A 502 -19.37 22.48 31.35
C ASP A 502 -19.28 21.70 30.05
N PHE A 503 -18.47 20.66 30.09
CA PHE A 503 -18.38 19.66 29.01
C PHE A 503 -18.42 18.28 29.66
N ILE A 504 -18.88 17.31 28.89
CA ILE A 504 -18.79 15.87 29.25
C ILE A 504 -17.33 15.45 29.07
N LYS A 505 -16.71 14.88 30.11
CA LYS A 505 -15.37 14.24 29.99
C LYS A 505 -15.44 13.24 28.84
N GLY A 506 -14.51 13.38 27.87
CA GLY A 506 -14.45 12.52 26.67
C GLY A 506 -15.37 12.96 25.54
N GLN A 507 -16.18 14.02 25.73
CA GLN A 507 -17.10 14.60 24.70
C GLN A 507 -17.20 16.11 24.90
N VAL A 508 -16.08 16.82 24.68
CA VAL A 508 -15.95 18.28 25.01
C VAL A 508 -16.93 19.13 24.17
N ALA A 509 -17.41 18.62 23.02
CA ALA A 509 -18.31 19.35 22.13
C ALA A 509 -19.68 19.57 22.80
N LEU A 510 -20.03 18.77 23.80
CA LEU A 510 -21.40 18.73 24.35
C LEU A 510 -21.36 19.10 25.83
N CYS A 511 -22.30 19.92 26.27
CA CYS A 511 -22.54 20.22 27.71
C CYS A 511 -23.36 19.05 28.27
N LYS A 512 -23.45 18.96 29.60
CA LYS A 512 -24.21 17.87 30.28
C LYS A 512 -25.68 17.87 29.83
N ASP A 513 -26.26 19.04 29.61
CA ASP A 513 -27.71 19.22 29.29
C ASP A 513 -27.89 19.50 27.80
N CYS A 514 -27.01 18.99 26.93
CA CYS A 514 -26.98 19.33 25.48
C CYS A 514 -27.57 18.18 24.65
N LEU A 515 -27.66 16.96 25.20
CA LEU A 515 -28.09 15.77 24.41
C LEU A 515 -29.57 15.87 24.04
N SER B 1 17.77 -37.52 10.83
CA SER B 1 16.84 -36.42 11.26
C SER B 1 15.81 -36.15 10.14
N LEU B 2 14.52 -36.28 10.45
CA LEU B 2 13.43 -36.26 9.43
C LEU B 2 12.81 -34.85 9.39
N ALA B 3 12.43 -34.38 8.21
CA ALA B 3 11.72 -33.10 8.06
C ALA B 3 10.29 -33.27 8.59
N GLU B 4 9.83 -32.26 9.35
CA GLU B 4 8.41 -32.12 9.76
C GLU B 4 7.84 -30.87 9.10
N ILE B 5 6.65 -30.97 8.49
CA ILE B 5 6.00 -29.77 7.88
C ILE B 5 5.75 -28.73 8.98
N ARG B 6 5.89 -27.46 8.64
CA ARG B 6 5.65 -26.29 9.50
C ARG B 6 4.33 -25.66 9.11
N THR B 7 3.51 -25.20 10.08
CA THR B 7 2.21 -24.54 9.82
C THR B 7 2.13 -23.21 10.59
N ASP B 8 3.27 -22.67 11.00
CA ASP B 8 3.34 -21.40 11.75
C ASP B 8 4.52 -20.62 11.18
N PHE B 9 4.36 -19.35 10.83
CA PHE B 9 5.42 -18.55 10.15
C PHE B 9 6.28 -17.74 11.14
N ASN B 10 6.11 -17.90 12.46
CA ASN B 10 6.77 -16.97 13.42
C ASN B 10 8.31 -17.09 13.31
N ILE B 11 8.83 -18.32 13.28
CA ILE B 11 10.29 -18.57 13.11
C ILE B 11 10.75 -18.03 11.74
N LEU B 12 9.97 -18.20 10.67
CA LEU B 12 10.36 -17.65 9.34
C LEU B 12 10.46 -16.12 9.43
N TYR B 13 9.47 -15.46 10.00
CA TYR B 13 9.48 -13.96 10.12
C TYR B 13 10.74 -13.53 10.89
N SER B 14 11.16 -14.27 11.91
CA SER B 14 12.37 -13.92 12.70
C SER B 14 13.63 -14.09 11.86
N MET B 15 13.65 -15.03 10.92
CA MET B 15 14.83 -15.28 10.06
C MET B 15 14.94 -14.15 9.04
N MET B 16 13.82 -13.63 8.56
CA MET B 16 13.81 -12.68 7.42
C MET B 16 13.93 -11.23 7.89
N LYS B 17 15.17 -10.73 7.99
CA LYS B 17 15.48 -9.44 8.68
C LYS B 17 16.51 -8.57 7.94
N LYS B 18 16.48 -7.27 8.22
CA LYS B 18 17.66 -6.37 8.00
C LYS B 18 17.66 -5.87 6.56
N HIS B 19 16.66 -6.22 5.74
CA HIS B 19 16.55 -5.71 4.34
C HIS B 19 15.14 -5.21 4.06
N GLU B 20 15.01 -4.08 3.35
CA GLU B 20 13.73 -3.55 2.82
C GLU B 20 13.06 -4.61 1.94
N GLU B 21 13.86 -5.34 1.16
CA GLU B 21 13.39 -6.41 0.25
C GLU B 21 12.82 -7.56 1.10
N PHE B 22 13.43 -7.89 2.25
CA PHE B 22 12.89 -8.90 3.20
C PHE B 22 11.66 -8.33 3.89
N ARG B 23 11.62 -7.01 4.17
CA ARG B 23 10.37 -6.38 4.66
C ARG B 23 9.29 -6.59 3.59
N TRP B 24 9.63 -6.33 2.34
CA TRP B 24 8.70 -6.47 1.19
C TRP B 24 8.23 -7.94 1.10
N MET B 25 9.16 -8.88 1.29
CA MET B 25 8.91 -10.34 1.17
C MET B 25 8.03 -10.75 2.35
N ARG B 26 8.23 -10.16 3.54
CA ARG B 26 7.41 -10.45 4.75
C ARG B 26 5.97 -10.00 4.55
N LEU B 27 5.73 -8.84 3.92
CA LEU B 27 4.36 -8.33 3.64
C LEU B 27 3.64 -9.36 2.74
N ARG B 28 4.32 -9.80 1.67
CA ARG B 28 3.78 -10.79 0.70
C ARG B 28 3.39 -12.07 1.47
N ILE B 29 4.31 -12.62 2.25
CA ILE B 29 4.08 -13.91 2.97
C ILE B 29 2.87 -13.74 3.89
N ARG B 30 2.75 -12.62 4.59
CA ARG B 30 1.62 -12.32 5.52
C ARG B 30 0.31 -12.27 4.75
N ARG B 31 0.27 -11.62 3.58
CA ARG B 31 -0.96 -11.58 2.76
C ARG B 31 -1.35 -13.01 2.37
N MET B 32 -0.36 -13.87 2.10
CA MET B 32 -0.57 -15.21 1.48
C MET B 32 -0.49 -16.34 2.52
N ALA B 33 -0.37 -16.03 3.81
CA ALA B 33 -0.02 -17.02 4.86
C ALA B 33 -1.07 -18.12 4.95
N ASP B 34 -2.34 -17.75 4.94
CA ASP B 34 -3.45 -18.72 5.10
C ASP B 34 -3.48 -19.64 3.88
N ALA B 35 -3.22 -19.11 2.69
CA ALA B 35 -3.17 -19.90 1.44
C ALA B 35 -2.05 -20.95 1.55
N TRP B 36 -0.86 -20.53 2.00
CA TRP B 36 0.32 -21.40 2.16
C TRP B 36 0.02 -22.54 3.12
N ILE B 37 -0.51 -22.22 4.31
CA ILE B 37 -0.71 -23.22 5.38
C ILE B 37 -1.79 -24.21 4.93
N GLN B 38 -2.83 -23.75 4.25
CA GLN B 38 -3.90 -24.63 3.69
C GLN B 38 -3.27 -25.60 2.69
N ALA B 39 -2.36 -25.10 1.85
CA ALA B 39 -1.66 -25.86 0.78
C ALA B 39 -0.74 -26.93 1.35
N ILE B 40 0.07 -26.64 2.37
CA ILE B 40 1.00 -27.67 2.91
C ILE B 40 0.15 -28.75 3.58
N LYS B 41 -0.95 -28.38 4.23
CA LYS B 41 -1.85 -29.38 4.87
C LYS B 41 -2.50 -30.26 3.79
N SER B 42 -3.03 -29.64 2.75
CA SER B 42 -3.64 -30.34 1.58
C SER B 42 -2.63 -31.28 0.91
N LEU B 43 -1.41 -30.82 0.62
CA LEU B 43 -0.40 -31.69 0.00
C LEU B 43 -0.10 -32.91 0.89
N ALA B 44 0.01 -32.71 2.21
CA ALA B 44 0.33 -33.76 3.20
C ALA B 44 -0.82 -34.80 3.29
N GLU B 45 -2.06 -34.44 2.92
CA GLU B 45 -3.24 -35.36 2.88
C GLU B 45 -3.19 -36.17 1.59
N LYS B 46 -2.67 -35.60 0.50
CA LYS B 46 -2.65 -36.26 -0.83
C LYS B 46 -1.45 -37.19 -1.03
N GLN B 47 -0.31 -36.83 -0.45
CA GLN B 47 0.99 -37.50 -0.66
C GLN B 47 1.64 -37.70 0.68
N ASN B 48 2.24 -38.85 0.86
CA ASN B 48 3.10 -39.17 2.02
C ASN B 48 4.32 -38.24 1.97
N LEU B 49 4.39 -37.27 2.88
CA LEU B 49 5.54 -36.34 3.10
C LEU B 49 6.36 -36.82 4.30
N GLU B 50 6.08 -38.02 4.79
CA GLU B 50 6.87 -38.69 5.87
C GLU B 50 8.16 -39.23 5.28
N LYS B 51 9.13 -39.49 6.15
CA LYS B 51 10.38 -40.21 5.85
C LYS B 51 11.25 -39.38 4.89
N ARG B 52 11.04 -38.05 4.85
CA ARG B 52 11.92 -37.11 4.13
C ARG B 52 13.02 -36.68 5.09
N LYS B 53 14.27 -36.76 4.65
CA LYS B 53 15.41 -36.28 5.48
C LYS B 53 15.38 -34.76 5.48
N ARG B 54 15.54 -34.16 6.66
CA ARG B 54 15.72 -32.70 6.81
C ARG B 54 17.07 -32.31 6.19
N LYS B 55 17.04 -31.42 5.19
CA LYS B 55 18.27 -30.92 4.55
C LYS B 55 18.66 -29.61 5.20
N LYS B 56 19.96 -29.41 5.37
CA LYS B 56 20.56 -28.08 5.65
C LYS B 56 20.74 -27.37 4.31
N VAL B 57 20.08 -26.25 4.14
CA VAL B 57 19.92 -25.57 2.82
C VAL B 57 20.53 -24.18 2.92
N LEU B 58 21.57 -23.89 2.13
CA LEU B 58 22.00 -22.48 1.94
C LEU B 58 21.07 -21.78 0.92
N VAL B 59 20.52 -20.64 1.29
CA VAL B 59 19.78 -19.74 0.36
C VAL B 59 20.55 -18.43 0.29
N HIS B 60 21.32 -18.25 -0.79
CA HIS B 60 22.18 -17.05 -0.92
C HIS B 60 21.59 -16.13 -1.96
N LEU B 61 21.08 -14.99 -1.53
CA LEU B 61 20.41 -13.99 -2.39
C LEU B 61 21.48 -12.97 -2.80
N GLY B 62 22.24 -13.34 -3.84
CA GLY B 62 23.29 -12.50 -4.42
C GLY B 62 22.76 -11.12 -4.76
N LEU B 63 21.56 -11.04 -5.32
CA LEU B 63 20.93 -9.76 -5.75
C LEU B 63 20.71 -8.81 -4.56
N LEU B 64 20.67 -9.30 -3.31
CA LEU B 64 20.42 -8.44 -2.10
C LEU B 64 21.72 -8.06 -1.39
N THR B 65 22.87 -8.58 -1.83
CA THR B 65 24.18 -8.28 -1.21
C THR B 65 24.55 -6.83 -1.55
N LYS B 66 25.04 -6.07 -0.56
CA LYS B 66 25.70 -4.75 -0.80
C LYS B 66 26.73 -4.99 -1.89
N GLU B 67 27.50 -6.07 -1.68
CA GLU B 67 28.73 -6.45 -2.43
C GLU B 67 28.40 -6.64 -3.92
N SER B 68 27.16 -7.02 -4.28
CA SER B 68 26.66 -7.16 -5.68
C SER B 68 26.47 -5.79 -6.35
N GLY B 69 26.17 -4.76 -5.55
CA GLY B 69 25.77 -3.42 -6.03
C GLY B 69 24.58 -3.47 -6.97
N PHE B 70 23.63 -4.39 -6.75
CA PHE B 70 22.41 -4.55 -7.59
C PHE B 70 21.35 -3.52 -7.18
N LYS B 71 21.30 -3.18 -5.89
CA LYS B 71 20.43 -2.11 -5.32
C LYS B 71 18.96 -2.45 -5.64
N ILE B 72 18.56 -3.70 -5.40
CA ILE B 72 17.16 -4.17 -5.61
C ILE B 72 16.38 -3.94 -4.32
N ALA B 73 16.98 -4.20 -3.14
CA ALA B 73 16.32 -3.94 -1.83
C ALA B 73 16.00 -2.44 -1.74
N GLU B 74 16.94 -1.59 -2.18
CA GLU B 74 16.85 -0.09 -2.22
C GLU B 74 15.56 0.37 -2.92
N THR B 75 15.15 -0.27 -4.02
CA THR B 75 14.05 0.20 -4.91
C THR B 75 12.81 -0.72 -4.81
N ALA B 76 12.72 -1.57 -3.78
CA ALA B 76 11.63 -2.56 -3.58
C ALA B 76 10.27 -1.83 -3.47
N PHE B 77 10.23 -0.60 -2.95
CA PHE B 77 8.97 0.16 -2.69
C PHE B 77 8.79 1.29 -3.72
N SER B 78 9.80 1.61 -4.56
CA SER B 78 9.84 2.83 -5.40
C SER B 78 9.98 2.51 -6.90
N GLY B 79 9.39 1.39 -7.35
CA GLY B 79 9.20 1.07 -8.80
C GLY B 79 10.29 0.17 -9.36
N GLY B 80 11.17 -0.39 -8.52
CA GLY B 80 12.28 -1.26 -8.95
C GLY B 80 11.81 -2.70 -9.23
N PRO B 81 12.68 -3.57 -9.81
CA PRO B 81 12.25 -4.94 -10.15
C PRO B 81 11.93 -5.78 -8.90
N LEU B 82 10.86 -6.57 -8.98
CA LEU B 82 10.32 -7.38 -7.86
C LEU B 82 10.11 -8.84 -8.28
N GLY B 83 10.10 -9.16 -9.57
CA GLY B 83 9.82 -10.54 -10.03
C GLY B 83 10.72 -11.56 -9.34
N GLU B 84 12.02 -11.26 -9.24
CA GLU B 84 12.98 -12.21 -8.60
C GLU B 84 12.62 -12.31 -7.12
N LEU B 85 12.29 -11.20 -6.45
CA LEU B 85 11.95 -11.21 -4.98
C LEU B 85 10.67 -12.05 -4.76
N VAL B 86 9.71 -12.01 -5.69
CA VAL B 86 8.51 -12.91 -5.65
C VAL B 86 9.00 -14.35 -5.63
N GLN B 87 9.86 -14.74 -6.57
CA GLN B 87 10.32 -16.13 -6.68
C GLN B 87 11.13 -16.52 -5.43
N TRP B 88 12.06 -15.68 -4.95
CA TRP B 88 12.84 -15.98 -3.73
C TRP B 88 11.91 -16.14 -2.53
N SER B 89 10.91 -15.27 -2.41
CA SER B 89 9.89 -15.29 -1.33
C SER B 89 9.23 -16.66 -1.32
N ASP B 90 8.78 -17.10 -2.49
CA ASP B 90 7.95 -18.32 -2.61
C ASP B 90 8.83 -19.56 -2.40
N LEU B 91 10.10 -19.52 -2.84
CA LEU B 91 11.05 -20.63 -2.64
C LEU B 91 11.36 -20.76 -1.15
N ILE B 92 11.72 -19.66 -0.50
CA ILE B 92 12.05 -19.66 0.95
C ILE B 92 10.84 -20.22 1.72
N THR B 93 9.64 -19.80 1.36
CA THR B 93 8.38 -20.14 2.10
C THR B 93 8.15 -21.64 1.91
N SER B 94 8.32 -22.14 0.68
CA SER B 94 8.15 -23.57 0.36
C SER B 94 9.14 -24.40 1.15
N LEU B 95 10.42 -24.03 1.19
CA LEU B 95 11.46 -24.80 1.90
C LEU B 95 11.10 -24.86 3.39
N TYR B 96 10.67 -23.72 3.92
CA TYR B 96 10.30 -23.54 5.36
C TYR B 96 9.12 -24.47 5.67
N LEU B 97 8.05 -24.38 4.89
CA LEU B 97 6.84 -25.23 5.10
C LEU B 97 7.20 -26.72 5.04
N LEU B 98 8.09 -27.13 4.12
CA LEU B 98 8.46 -28.55 3.91
C LEU B 98 9.35 -29.05 5.07
N GLY B 99 9.79 -28.16 5.96
CA GLY B 99 10.48 -28.55 7.20
C GLY B 99 11.97 -28.57 7.10
N HIS B 100 12.55 -27.94 6.09
CA HIS B 100 14.02 -27.98 5.91
C HIS B 100 14.68 -26.94 6.80
N ASP B 101 15.98 -27.14 7.04
CA ASP B 101 16.80 -26.27 7.90
C ASP B 101 17.44 -25.18 7.03
N ILE B 102 16.77 -24.04 6.84
CA ILE B 102 17.18 -22.98 5.88
C ILE B 102 18.15 -22.03 6.58
N ARG B 103 19.23 -21.71 5.88
CA ARG B 103 20.25 -20.73 6.31
C ARG B 103 20.26 -19.63 5.25
N ILE B 104 19.62 -18.51 5.54
CA ILE B 104 19.40 -17.41 4.55
C ILE B 104 20.64 -16.52 4.63
N SER B 105 21.23 -16.21 3.49
CA SER B 105 22.42 -15.35 3.37
C SER B 105 22.11 -14.17 2.42
N ALA B 106 22.40 -12.94 2.83
CA ALA B 106 22.41 -11.80 1.90
C ALA B 106 23.71 -10.98 2.09
N SER B 107 24.80 -11.67 2.45
CA SER B 107 26.15 -11.08 2.64
C SER B 107 27.22 -12.13 2.36
N LEU B 108 28.42 -11.68 1.99
CA LEU B 108 29.60 -12.57 1.84
C LEU B 108 29.92 -13.20 3.19
N ALA B 109 29.83 -12.41 4.27
CA ALA B 109 30.07 -12.84 5.67
C ALA B 109 29.20 -14.06 6.00
N GLU B 110 27.88 -13.95 5.79
CA GLU B 110 26.90 -15.04 6.07
C GLU B 110 27.24 -16.24 5.19
N LEU B 111 27.46 -16.00 3.91
CA LEU B 111 27.82 -17.07 2.95
C LEU B 111 29.01 -17.85 3.51
N LYS B 112 30.11 -17.17 3.85
CA LYS B 112 31.37 -17.83 4.30
C LYS B 112 31.09 -18.64 5.59
N GLU B 113 30.32 -18.05 6.50
CA GLU B 113 30.06 -18.61 7.84
C GLU B 113 29.18 -19.86 7.72
N ILE B 114 28.14 -19.80 6.89
CA ILE B 114 27.24 -20.98 6.66
C ILE B 114 28.06 -22.10 6.03
N MET B 115 28.85 -21.80 4.99
CA MET B 115 29.64 -22.83 4.26
C MET B 115 30.77 -23.35 5.17
N GLY B 116 31.31 -22.48 6.04
CA GLY B 116 32.22 -22.84 7.14
C GLY B 116 31.60 -23.87 8.08
N GLY B 117 30.35 -23.66 8.51
CA GLY B 117 29.60 -24.51 9.46
C GLY B 117 29.45 -25.94 8.97
N GLY B 118 29.59 -26.19 7.67
CA GLY B 118 29.62 -27.54 7.07
C GLY B 118 28.25 -28.22 7.08
N GLY B 119 28.17 -29.41 6.49
CA GLY B 119 26.94 -30.19 6.41
C GLY B 119 25.89 -29.57 5.49
N VAL B 120 26.24 -28.56 4.69
CA VAL B 120 25.28 -28.04 3.65
C VAL B 120 25.00 -29.16 2.64
N GLU B 121 23.74 -29.34 2.24
CA GLU B 121 23.29 -30.45 1.38
C GLU B 121 22.66 -29.94 0.07
N LEU B 122 22.30 -28.68 0.03
CA LEU B 122 21.54 -28.05 -1.08
C LEU B 122 21.79 -26.55 -1.03
N ILE B 123 22.03 -25.93 -2.18
CA ILE B 123 22.38 -24.50 -2.28
C ILE B 123 21.48 -23.87 -3.35
N TYR B 124 20.66 -22.93 -2.94
CA TYR B 124 19.87 -22.09 -3.86
C TYR B 124 20.54 -20.73 -3.96
N ILE B 125 20.84 -20.33 -5.16
CA ILE B 125 21.67 -19.13 -5.39
C ILE B 125 21.29 -18.53 -6.74
N ASP B 126 21.62 -17.26 -6.98
CA ASP B 126 21.50 -16.66 -8.35
C ASP B 126 22.90 -16.62 -8.99
N ILE B 127 22.96 -16.23 -10.26
CA ILE B 127 24.26 -16.26 -11.00
C ILE B 127 25.21 -15.22 -10.39
N VAL B 128 24.70 -14.06 -9.98
CA VAL B 128 25.54 -13.02 -9.31
C VAL B 128 26.08 -13.63 -8.01
N GLY B 129 25.25 -14.35 -7.27
CA GLY B 129 25.64 -15.05 -6.05
C GLY B 129 26.65 -16.14 -6.30
N LEU B 130 26.56 -16.84 -7.44
CA LEU B 130 27.45 -17.96 -7.78
C LEU B 130 28.88 -17.43 -8.00
N ALA B 131 29.02 -16.28 -8.67
CA ALA B 131 30.32 -15.58 -8.81
C ALA B 131 30.89 -15.27 -7.42
N GLN B 132 30.06 -14.85 -6.47
CA GLN B 132 30.47 -14.56 -5.07
C GLN B 132 30.88 -15.84 -4.35
N PHE B 133 30.12 -16.92 -4.54
CA PHE B 133 30.40 -18.25 -3.97
C PHE B 133 31.81 -18.72 -4.37
N LYS B 134 32.06 -18.70 -5.68
CA LYS B 134 33.34 -19.11 -6.27
C LYS B 134 34.48 -18.25 -5.69
N LYS B 135 34.32 -16.93 -5.69
CA LYS B 135 35.38 -16.02 -5.18
C LYS B 135 35.59 -16.24 -3.67
N THR B 136 34.53 -16.39 -2.90
CA THR B 136 34.59 -16.51 -1.42
C THR B 136 35.24 -17.84 -1.02
N LEU B 137 34.87 -18.95 -1.65
CA LEU B 137 35.32 -20.29 -1.16
C LEU B 137 36.68 -20.68 -1.75
N GLY B 138 37.02 -20.15 -2.92
CA GLY B 138 38.25 -20.47 -3.65
C GLY B 138 38.02 -21.75 -4.44
N PRO B 139 39.09 -22.47 -4.85
CA PRO B 139 39.01 -23.61 -5.77
C PRO B 139 38.07 -24.73 -5.32
N SER B 140 37.85 -24.88 -4.00
CA SER B 140 36.98 -25.94 -3.45
C SER B 140 35.49 -25.61 -3.66
N TRP B 141 35.15 -24.45 -4.20
CA TRP B 141 33.75 -24.17 -4.58
C TRP B 141 33.21 -25.33 -5.44
N VAL B 142 34.05 -25.94 -6.28
CA VAL B 142 33.60 -26.99 -7.25
C VAL B 142 33.22 -28.23 -6.44
N HIS B 143 33.73 -28.38 -5.21
CA HIS B 143 33.36 -29.50 -4.31
C HIS B 143 31.85 -29.51 -4.07
N TYR B 144 31.18 -28.36 -4.18
CA TYR B 144 29.74 -28.17 -3.85
C TYR B 144 28.90 -28.04 -5.11
N GLN B 145 29.49 -28.14 -6.30
CA GLN B 145 28.82 -27.64 -7.51
C GLN B 145 27.57 -28.48 -7.77
N CYS B 146 27.59 -29.76 -7.46
CA CYS B 146 26.44 -30.68 -7.72
C CYS B 146 25.25 -30.33 -6.81
N MET B 147 25.43 -29.56 -5.73
CA MET B 147 24.33 -29.14 -4.83
C MET B 147 23.67 -27.83 -5.25
N LEU B 148 24.22 -27.13 -6.25
CA LEU B 148 23.72 -25.83 -6.70
C LEU B 148 22.39 -25.99 -7.45
N ARG B 149 21.49 -25.08 -7.16
CA ARG B 149 20.22 -24.82 -7.87
C ARG B 149 20.20 -23.32 -8.13
N VAL B 150 20.33 -22.97 -9.39
CA VAL B 150 20.72 -21.59 -9.77
C VAL B 150 19.48 -20.89 -10.35
N LEU B 151 18.96 -19.94 -9.60
CA LEU B 151 17.77 -19.14 -10.01
C LEU B 151 18.20 -18.20 -11.12
N ASP B 152 17.69 -18.50 -12.31
CA ASP B 152 18.08 -17.85 -13.57
C ASP B 152 16.79 -17.65 -14.36
N SER B 153 16.22 -16.46 -14.25
CA SER B 153 14.83 -16.17 -14.72
C SER B 153 14.66 -16.67 -16.16
N PHE B 154 15.56 -16.25 -17.06
CA PHE B 154 15.35 -16.34 -18.52
C PHE B 154 15.92 -17.64 -19.11
N GLY B 155 16.69 -18.41 -18.33
CA GLY B 155 17.19 -19.70 -18.78
C GLY B 155 18.56 -19.60 -19.38
N THR B 156 19.28 -20.71 -19.26
CA THR B 156 20.62 -20.90 -19.83
C THR B 156 20.58 -22.10 -20.78
N GLU B 157 20.89 -21.87 -22.06
CA GLU B 157 20.99 -22.98 -23.04
C GLU B 157 22.39 -23.61 -22.98
N PRO B 158 22.50 -24.94 -23.23
CA PRO B 158 23.78 -25.67 -23.14
C PRO B 158 24.95 -24.99 -23.86
N GLU B 159 24.70 -24.38 -25.03
CA GLU B 159 25.81 -23.78 -25.84
C GLU B 159 26.43 -22.57 -25.14
N PHE B 160 25.74 -21.97 -24.15
CA PHE B 160 26.26 -20.82 -23.38
C PHE B 160 26.89 -21.29 -22.07
N ASN B 161 26.49 -22.46 -21.58
CA ASN B 161 26.92 -23.02 -20.27
C ASN B 161 28.30 -23.66 -20.40
N HIS B 162 28.58 -24.30 -21.54
CA HIS B 162 29.85 -24.99 -21.83
C HIS B 162 30.90 -23.92 -22.14
N ALA B 163 31.82 -23.64 -21.21
CA ALA B 163 32.76 -22.50 -21.31
C ALA B 163 33.51 -22.55 -22.66
N ASN B 164 34.06 -23.69 -23.04
CA ASN B 164 34.97 -23.79 -24.23
C ASN B 164 34.16 -23.70 -25.52
N TYR B 165 33.00 -24.35 -25.57
CA TYR B 165 32.11 -24.31 -26.75
C TYR B 165 31.58 -22.89 -26.95
N ALA B 166 31.19 -22.21 -25.86
CA ALA B 166 30.71 -20.82 -25.88
C ALA B 166 31.82 -19.93 -26.45
N GLN B 167 33.07 -20.12 -25.99
CA GLN B 167 34.25 -19.39 -26.51
C GLN B 167 34.38 -19.65 -28.01
N SER B 168 34.26 -20.91 -28.43
CA SER B 168 34.43 -21.33 -29.84
C SER B 168 33.35 -20.68 -30.70
N LYS B 169 32.16 -20.35 -30.16
CA LYS B 169 31.06 -19.72 -30.92
C LYS B 169 31.11 -18.19 -30.81
N GLY B 170 32.07 -17.63 -30.05
CA GLY B 170 32.18 -16.19 -29.75
C GLY B 170 31.06 -15.65 -28.87
N HIS B 171 30.45 -16.46 -28.01
CA HIS B 171 29.45 -16.02 -27.02
C HIS B 171 30.14 -15.25 -25.90
N LYS B 172 29.86 -13.95 -25.75
CA LYS B 172 30.49 -13.04 -24.77
C LYS B 172 29.62 -12.87 -23.52
N THR B 173 28.57 -13.67 -23.35
CA THR B 173 27.66 -13.57 -22.18
C THR B 173 28.49 -13.46 -20.91
N PRO B 174 28.19 -12.47 -20.01
CA PRO B 174 28.78 -12.47 -18.67
C PRO B 174 28.09 -13.43 -17.69
N TRP B 175 27.03 -14.12 -18.13
CA TRP B 175 26.14 -14.93 -17.26
C TRP B 175 26.43 -16.43 -17.41
N GLY B 176 27.07 -16.86 -18.50
CA GLY B 176 27.24 -18.29 -18.83
C GLY B 176 28.62 -18.81 -18.43
N LYS B 177 29.04 -19.91 -19.06
CA LYS B 177 30.35 -20.59 -18.89
C LYS B 177 30.52 -21.15 -17.48
N TRP B 178 29.44 -21.52 -16.78
CA TRP B 178 29.57 -22.15 -15.44
C TRP B 178 29.82 -23.66 -15.52
N ASN B 179 29.61 -24.30 -16.68
CA ASN B 179 29.82 -25.75 -16.89
C ASN B 179 29.02 -26.57 -15.87
N LEU B 180 27.79 -26.16 -15.58
CA LEU B 180 26.94 -26.95 -14.66
C LEU B 180 26.20 -28.01 -15.49
N ASN B 181 25.51 -28.94 -14.85
CA ASN B 181 24.42 -29.66 -15.54
C ASN B 181 23.31 -28.62 -15.77
N PRO B 182 22.91 -28.33 -17.02
CA PRO B 182 21.92 -27.27 -17.24
C PRO B 182 20.57 -27.43 -16.50
N GLN B 183 20.21 -28.64 -16.03
CA GLN B 183 18.96 -28.86 -15.28
C GLN B 183 19.10 -28.19 -13.91
N GLN B 184 20.32 -27.75 -13.53
CA GLN B 184 20.58 -27.03 -12.25
C GLN B 184 20.13 -25.56 -12.32
N PHE B 185 19.87 -25.04 -13.52
CA PHE B 185 19.31 -23.68 -13.73
C PHE B 185 17.79 -23.79 -13.57
N TYR B 186 17.28 -22.96 -12.69
CA TYR B 186 15.86 -22.93 -12.25
C TYR B 186 15.24 -21.66 -12.83
N THR B 187 14.22 -21.80 -13.67
CA THR B 187 13.63 -20.68 -14.44
C THR B 187 12.31 -20.16 -13.86
N MET B 188 11.90 -18.97 -14.33
CA MET B 188 10.69 -18.26 -13.87
C MET B 188 9.45 -18.91 -14.50
N PHE B 189 9.55 -19.38 -15.76
CA PHE B 189 8.49 -20.04 -16.54
C PHE B 189 9.10 -21.23 -17.27
N PRO B 190 8.27 -22.22 -17.69
CA PRO B 190 8.76 -23.44 -18.32
C PRO B 190 9.04 -23.19 -19.81
N HIS B 191 10.02 -22.35 -20.09
CA HIS B 191 10.34 -21.93 -21.47
C HIS B 191 11.58 -22.64 -22.01
N THR B 192 12.39 -23.27 -21.16
CA THR B 192 13.72 -23.81 -21.50
C THR B 192 13.83 -25.23 -20.94
N PRO B 193 13.47 -26.28 -21.71
CA PRO B 193 13.48 -27.66 -21.19
C PRO B 193 14.87 -28.20 -20.85
N ASP B 194 15.93 -27.52 -21.32
CA ASP B 194 17.30 -27.81 -20.84
C ASP B 194 17.42 -27.49 -19.35
N ASN B 195 16.57 -26.61 -18.85
CA ASN B 195 16.62 -26.19 -17.42
C ASN B 195 15.47 -26.83 -16.66
N SER B 196 15.41 -26.58 -15.36
CA SER B 196 14.25 -26.93 -14.49
C SER B 196 13.36 -25.69 -14.37
N PHE B 197 12.05 -25.87 -14.42
CA PHE B 197 11.08 -24.82 -14.12
C PHE B 197 10.86 -24.69 -12.60
N LEU B 198 11.24 -23.56 -12.00
CA LEU B 198 10.98 -23.28 -10.56
C LEU B 198 9.64 -22.56 -10.39
N GLY B 199 9.45 -21.44 -11.11
CA GLY B 199 8.29 -20.56 -11.01
C GLY B 199 8.18 -19.88 -9.67
N PHE B 200 6.93 -19.73 -9.23
CA PHE B 200 6.50 -18.91 -8.08
C PHE B 200 5.00 -19.16 -7.90
N VAL B 201 4.41 -18.52 -6.91
CA VAL B 201 2.94 -18.55 -6.68
C VAL B 201 2.32 -17.26 -7.16
N VAL B 202 1.20 -17.37 -7.86
CA VAL B 202 0.40 -16.20 -8.32
C VAL B 202 -0.56 -15.85 -7.17
N GLU B 203 -0.33 -14.72 -6.54
CA GLU B 203 -1.22 -14.21 -5.47
C GLU B 203 -2.60 -13.80 -6.02
N GLN B 204 -3.69 -14.26 -5.39
CA GLN B 204 -5.06 -13.71 -5.57
C GLN B 204 -5.87 -13.90 -4.27
N HIS B 205 -6.92 -13.11 -4.07
CA HIS B 205 -7.67 -13.06 -2.78
C HIS B 205 -9.18 -13.21 -3.01
N LEU B 206 -9.58 -13.91 -4.06
CA LEU B 206 -11.01 -14.14 -4.40
C LEU B 206 -11.56 -15.31 -3.55
N ASN B 207 -12.86 -15.25 -3.21
CA ASN B 207 -13.67 -16.37 -2.66
C ASN B 207 -15.05 -16.33 -3.36
N ASN B 215 -18.68 -10.84 -11.02
CA ASN B 215 -19.38 -10.14 -12.14
C ASN B 215 -19.97 -8.83 -11.64
N GLU B 216 -20.33 -8.78 -10.36
CA GLU B 216 -20.84 -7.57 -9.67
C GLU B 216 -19.66 -6.72 -9.17
N ILE B 217 -18.56 -7.37 -8.79
CA ILE B 217 -17.36 -6.73 -8.19
C ILE B 217 -16.61 -5.93 -9.25
N LYS B 218 -16.51 -6.47 -10.47
CA LYS B 218 -15.75 -5.86 -11.58
C LYS B 218 -16.51 -4.72 -12.25
N ARG B 219 -15.82 -3.61 -12.48
CA ARG B 219 -16.21 -2.56 -13.44
C ARG B 219 -15.90 -3.10 -14.83
N GLN B 220 -16.94 -3.42 -15.61
CA GLN B 220 -16.80 -3.97 -17.00
C GLN B 220 -16.01 -2.98 -17.86
N ASN B 221 -15.92 -1.73 -17.41
CA ASN B 221 -15.44 -0.51 -18.11
C ASN B 221 -13.97 -0.25 -17.76
N GLN B 222 -13.37 -0.99 -16.82
CA GLN B 222 -12.12 -0.55 -16.13
C GLN B 222 -10.92 -1.34 -16.66
N SER B 223 -9.94 -0.64 -17.23
CA SER B 223 -8.65 -1.20 -17.67
C SER B 223 -7.53 -0.65 -16.78
N LEU B 224 -6.49 -1.45 -16.59
CA LEU B 224 -5.26 -1.09 -15.85
C LEU B 224 -4.06 -1.38 -16.74
N VAL B 225 -3.20 -0.38 -16.91
CA VAL B 225 -1.98 -0.53 -17.75
C VAL B 225 -0.88 -1.18 -16.89
N TYR B 226 -0.23 -2.17 -17.50
CA TYR B 226 0.92 -2.90 -16.93
C TYR B 226 2.15 -2.08 -17.27
N GLY B 227 2.84 -1.53 -16.30
CA GLY B 227 4.06 -0.74 -16.57
C GLY B 227 4.20 0.37 -15.55
N LYS B 228 5.10 0.15 -14.58
CA LYS B 228 5.23 0.99 -13.38
C LYS B 228 6.30 2.05 -13.61
N VAL B 229 6.89 2.11 -14.82
CA VAL B 229 7.94 3.10 -15.21
C VAL B 229 7.51 3.86 -16.48
N ASP B 230 7.58 5.19 -16.43
CA ASP B 230 7.07 6.12 -17.48
C ASP B 230 7.66 5.75 -18.86
N SER B 231 8.94 5.38 -18.92
CA SER B 231 9.65 5.08 -20.19
C SER B 231 8.93 3.97 -20.95
N PHE B 232 8.31 3.02 -20.24
CA PHE B 232 7.62 1.84 -20.81
C PHE B 232 6.45 2.27 -21.71
N TRP B 233 5.90 3.48 -21.49
CA TRP B 233 4.69 4.00 -22.17
C TRP B 233 5.02 4.75 -23.48
N LYS B 234 6.29 4.89 -23.84
CA LYS B 234 6.73 5.62 -25.05
C LYS B 234 6.05 5.03 -26.31
N ASN B 235 5.37 5.89 -27.09
CA ASN B 235 4.79 5.58 -28.43
C ASN B 235 3.60 4.63 -28.32
N LYS B 236 2.81 4.72 -27.23
CA LYS B 236 1.63 3.83 -27.05
C LYS B 236 0.31 4.58 -27.24
N LYS B 237 0.33 5.85 -27.68
CA LYS B 237 -0.84 6.76 -27.65
C LYS B 237 -2.01 6.20 -28.49
N ILE B 238 -1.78 5.77 -29.75
CA ILE B 238 -2.89 5.23 -30.61
C ILE B 238 -3.53 4.04 -29.90
N TYR B 239 -2.70 3.10 -29.42
CA TYR B 239 -3.08 1.87 -28.69
C TYR B 239 -3.97 2.25 -27.51
N LEU B 240 -3.46 3.13 -26.65
CA LEU B 240 -4.18 3.53 -25.42
C LEU B 240 -5.48 4.26 -25.77
N ASP B 241 -5.46 5.06 -26.84
CA ASP B 241 -6.65 5.83 -27.33
C ASP B 241 -7.78 4.86 -27.74
N ILE B 242 -7.44 3.76 -28.43
CA ILE B 242 -8.40 2.69 -28.82
C ILE B 242 -9.02 2.10 -27.57
N ILE B 243 -8.20 1.71 -26.60
CA ILE B 243 -8.69 1.11 -25.33
C ILE B 243 -9.59 2.12 -24.62
N HIS B 244 -9.17 3.38 -24.56
CA HIS B 244 -9.88 4.48 -23.86
C HIS B 244 -11.22 4.81 -24.56
N THR B 245 -11.37 4.49 -25.85
CA THR B 245 -12.68 4.56 -26.56
C THR B 245 -13.72 3.75 -25.80
N TYR B 246 -13.35 2.61 -25.21
CA TYR B 246 -14.32 1.65 -24.61
C TYR B 246 -14.19 1.55 -23.09
N MET B 247 -13.07 2.00 -22.52
CA MET B 247 -12.71 1.73 -21.10
C MET B 247 -12.01 2.94 -20.47
N GLU B 248 -12.17 3.09 -19.16
CA GLU B 248 -11.34 3.97 -18.32
C GLU B 248 -9.96 3.32 -18.23
N VAL B 249 -8.91 4.13 -18.25
CA VAL B 249 -7.49 3.64 -18.24
C VAL B 249 -6.87 4.08 -16.91
N HIS B 250 -6.53 3.12 -16.07
CA HIS B 250 -5.79 3.32 -14.80
C HIS B 250 -4.33 2.94 -14.98
N ALA B 251 -3.48 3.36 -14.06
CA ALA B 251 -2.03 3.10 -14.05
C ALA B 251 -1.49 3.05 -12.62
N THR B 252 -0.32 2.45 -12.46
CA THR B 252 0.44 2.42 -11.20
C THR B 252 1.88 2.80 -11.53
N VAL B 253 2.12 4.06 -11.85
CA VAL B 253 3.44 4.59 -12.30
C VAL B 253 4.01 5.50 -11.21
N TYR B 254 5.31 5.35 -10.93
CA TYR B 254 6.14 6.25 -10.10
C TYR B 254 6.46 7.49 -10.94
N THR B 258 5.84 12.39 -15.43
CA THR B 258 5.04 11.39 -16.18
C THR B 258 4.58 12.01 -17.51
N LYS B 259 5.53 12.13 -18.44
CA LYS B 259 5.43 12.82 -19.75
C LYS B 259 4.77 11.92 -20.79
N ASN B 260 4.88 10.59 -20.62
CA ASN B 260 4.47 9.58 -21.62
C ASN B 260 2.99 9.19 -21.41
N ILE B 261 2.38 9.65 -20.31
CA ILE B 261 1.08 9.14 -19.80
C ILE B 261 -0.04 10.10 -20.19
N PRO B 262 -0.98 9.71 -21.07
CA PRO B 262 -2.10 10.58 -21.45
C PRO B 262 -2.90 11.15 -20.27
N SER B 263 -3.43 12.37 -20.44
CA SER B 263 -4.17 13.15 -19.43
C SER B 263 -5.34 12.35 -18.83
N TYR B 264 -6.06 11.55 -19.64
CA TYR B 264 -7.25 10.75 -19.24
C TYR B 264 -6.88 9.58 -18.28
N VAL B 265 -5.60 9.20 -18.19
CA VAL B 265 -5.16 8.04 -17.36
C VAL B 265 -5.33 8.38 -15.87
N LYS B 266 -5.95 7.48 -15.12
CA LYS B 266 -6.06 7.56 -13.64
C LYS B 266 -4.86 6.85 -13.01
N ASN B 267 -3.80 7.61 -12.70
CA ASN B 267 -2.56 7.04 -12.12
C ASN B 267 -2.71 6.97 -10.59
N HIS B 268 -2.48 5.78 -10.01
CA HIS B 268 -2.57 5.51 -8.54
C HIS B 268 -1.20 5.59 -7.88
N GLY B 269 -0.15 5.68 -8.69
CA GLY B 269 1.24 5.49 -8.22
C GLY B 269 1.54 4.04 -7.90
N ILE B 270 2.70 3.78 -7.30
CA ILE B 270 3.12 2.40 -6.91
C ILE B 270 2.23 1.96 -5.75
N LEU B 271 1.52 0.84 -5.89
CA LEU B 271 0.58 0.37 -4.85
C LEU B 271 1.26 -0.75 -4.05
N SER B 272 0.98 -0.79 -2.74
CA SER B 272 1.22 -1.97 -1.88
C SER B 272 0.49 -3.18 -2.50
N GLY B 273 0.95 -4.38 -2.18
CA GLY B 273 0.34 -5.63 -2.70
C GLY B 273 -1.14 -5.66 -2.42
N ARG B 274 -1.57 -5.22 -1.23
CA ARG B 274 -3.00 -5.29 -0.82
C ARG B 274 -3.84 -4.41 -1.75
N ASP B 275 -3.40 -3.18 -2.00
CA ASP B 275 -4.13 -2.17 -2.77
C ASP B 275 -4.12 -2.57 -4.26
N LEU B 276 -2.99 -3.06 -4.76
CA LEU B 276 -2.88 -3.56 -6.16
C LEU B 276 -3.88 -4.71 -6.34
N GLN B 277 -3.89 -5.67 -5.43
CA GLN B 277 -4.79 -6.85 -5.48
C GLN B 277 -6.24 -6.37 -5.51
N PHE B 278 -6.58 -5.36 -4.73
CA PHE B 278 -7.96 -4.83 -4.70
C PHE B 278 -8.31 -4.24 -6.06
N LEU B 279 -7.36 -3.52 -6.65
CA LEU B 279 -7.53 -2.85 -7.96
C LEU B 279 -7.68 -3.92 -9.04
N LEU B 280 -6.91 -5.02 -8.98
CA LEU B 280 -7.02 -6.11 -9.99
C LEU B 280 -8.42 -6.72 -9.89
N ARG B 281 -8.92 -6.90 -8.67
CA ARG B 281 -10.26 -7.52 -8.42
C ARG B 281 -11.34 -6.69 -9.12
N GLU B 282 -11.15 -5.37 -9.25
CA GLU B 282 -12.14 -4.44 -9.86
C GLU B 282 -11.96 -4.34 -11.37
N THR B 283 -10.83 -4.80 -11.91
CA THR B 283 -10.38 -4.46 -13.29
C THR B 283 -10.82 -5.54 -14.30
N LYS B 284 -11.35 -5.13 -15.45
CA LYS B 284 -11.79 -6.05 -16.52
C LYS B 284 -10.59 -6.41 -17.40
N LEU B 285 -9.69 -5.44 -17.70
CA LEU B 285 -8.62 -5.62 -18.71
C LEU B 285 -7.28 -5.12 -18.16
N PHE B 286 -6.26 -5.98 -18.21
CA PHE B 286 -4.86 -5.64 -17.88
C PHE B 286 -4.09 -5.47 -19.18
N VAL B 287 -3.50 -4.28 -19.38
CA VAL B 287 -2.98 -3.84 -20.69
C VAL B 287 -1.45 -3.92 -20.72
N GLY B 288 -0.91 -4.82 -21.53
CA GLY B 288 0.54 -4.95 -21.79
C GLY B 288 1.00 -3.87 -22.77
N LEU B 289 2.18 -3.30 -22.53
CA LEU B 289 2.79 -2.28 -23.43
C LEU B 289 3.93 -2.87 -24.23
N GLY B 290 4.42 -4.08 -23.88
CA GLY B 290 5.53 -4.75 -24.59
C GLY B 290 6.69 -5.07 -23.68
N PHE B 291 6.77 -4.36 -22.57
CA PHE B 291 7.81 -4.56 -21.53
C PHE B 291 7.12 -4.26 -20.21
N PRO B 292 7.39 -4.97 -19.09
CA PRO B 292 8.43 -6.00 -19.02
C PRO B 292 8.08 -7.40 -19.56
N TYR B 293 9.10 -8.18 -19.89
CA TYR B 293 8.99 -9.58 -20.42
C TYR B 293 8.82 -10.56 -19.26
N GLU B 294 7.83 -11.45 -19.39
CA GLU B 294 7.79 -12.69 -18.60
C GLU B 294 7.84 -12.35 -17.11
N GLY B 295 6.92 -11.50 -16.67
CA GLY B 295 6.79 -11.21 -15.24
C GLY B 295 5.59 -11.91 -14.60
N PRO B 296 5.49 -11.85 -13.25
CA PRO B 296 4.29 -12.35 -12.57
C PRO B 296 2.97 -11.58 -12.77
N ALA B 297 3.01 -10.27 -13.01
CA ALA B 297 1.84 -9.36 -12.89
C ALA B 297 0.70 -9.82 -13.79
N PRO B 298 0.93 -10.22 -15.06
CA PRO B 298 -0.20 -10.62 -15.90
C PRO B 298 -0.91 -11.84 -15.34
N LEU B 299 -0.18 -12.77 -14.71
CA LEU B 299 -0.81 -13.97 -14.12
C LEU B 299 -1.63 -13.55 -12.90
N GLU B 300 -1.14 -12.60 -12.11
CA GLU B 300 -1.92 -12.06 -10.96
C GLU B 300 -3.23 -11.47 -11.49
N ALA B 301 -3.19 -10.75 -12.61
CA ALA B 301 -4.39 -10.14 -13.21
C ALA B 301 -5.36 -11.25 -13.62
N ILE B 302 -4.87 -12.29 -14.29
CA ILE B 302 -5.69 -13.42 -14.79
C ILE B 302 -6.28 -14.18 -13.61
N ALA B 303 -5.54 -14.37 -12.52
CA ALA B 303 -6.02 -15.06 -11.31
C ALA B 303 -7.18 -14.27 -10.68
N ASN B 304 -7.27 -12.95 -10.95
CA ASN B 304 -8.31 -12.02 -10.42
C ASN B 304 -9.41 -11.80 -11.45
N GLY B 305 -9.43 -12.57 -12.54
CA GLY B 305 -10.49 -12.50 -13.56
C GLY B 305 -10.29 -11.37 -14.55
N CYS B 306 -9.10 -10.74 -14.59
CA CYS B 306 -8.78 -9.75 -15.65
C CYS B 306 -8.41 -10.53 -16.93
N ALA B 307 -8.76 -9.99 -18.09
CA ALA B 307 -8.17 -10.44 -19.36
C ALA B 307 -6.88 -9.65 -19.54
N PHE B 308 -5.89 -10.26 -20.20
CA PHE B 308 -4.55 -9.67 -20.46
C PHE B 308 -4.42 -9.44 -21.95
N LEU B 309 -4.16 -8.19 -22.31
CA LEU B 309 -3.86 -7.76 -23.68
C LEU B 309 -2.34 -7.86 -23.84
N ASN B 310 -1.90 -8.85 -24.62
CA ASN B 310 -0.50 -9.36 -24.66
C ASN B 310 0.09 -9.00 -26.00
N PRO B 311 0.97 -7.98 -26.06
CA PRO B 311 1.62 -7.60 -27.30
C PRO B 311 2.36 -8.77 -27.96
N LYS B 312 2.03 -8.97 -29.23
CA LYS B 312 2.60 -9.99 -30.11
C LYS B 312 3.90 -9.46 -30.73
N PHE B 313 4.96 -10.26 -30.73
CA PHE B 313 6.29 -9.92 -31.29
C PHE B 313 6.54 -10.71 -32.58
N ASN B 314 6.52 -10.02 -33.73
CA ASN B 314 6.86 -10.56 -35.05
C ASN B 314 7.74 -9.51 -35.70
N PRO B 315 9.08 -9.74 -35.80
CA PRO B 315 9.71 -11.02 -35.46
C PRO B 315 9.76 -11.24 -33.94
N PRO B 316 9.92 -12.51 -33.49
CA PRO B 316 10.03 -12.81 -32.06
C PRO B 316 11.30 -12.16 -31.50
N LYS B 317 11.27 -11.72 -30.24
CA LYS B 317 12.42 -10.97 -29.66
C LYS B 317 13.44 -11.94 -29.06
N SER B 318 14.73 -11.65 -29.24
CA SER B 318 15.80 -12.55 -28.75
C SER B 318 17.09 -11.72 -28.65
N SER B 319 18.12 -12.39 -28.15
CA SER B 319 19.50 -11.87 -28.00
C SER B 319 20.08 -11.48 -29.36
N LYS B 320 19.44 -11.92 -30.46
CA LYS B 320 19.76 -11.56 -31.86
C LYS B 320 19.25 -10.17 -32.24
N ASN B 321 18.17 -9.64 -31.65
CA ASN B 321 17.51 -8.43 -32.23
C ASN B 321 17.03 -7.40 -31.19
N THR B 322 17.23 -7.64 -29.89
CA THR B 322 16.63 -6.84 -28.79
C THR B 322 17.69 -6.57 -27.72
N ASP B 323 17.99 -5.30 -27.46
CA ASP B 323 19.09 -4.86 -26.58
C ASP B 323 19.04 -5.59 -25.24
N PHE B 324 17.84 -5.70 -24.67
CA PHE B 324 17.59 -6.30 -23.34
C PHE B 324 18.20 -7.71 -23.27
N PHE B 325 18.16 -8.47 -24.35
CA PHE B 325 18.52 -9.91 -24.40
C PHE B 325 19.97 -10.12 -24.81
N ILE B 326 20.68 -9.08 -25.29
CA ILE B 326 22.06 -9.25 -25.77
C ILE B 326 22.90 -9.66 -24.55
N GLY B 327 23.68 -10.70 -24.66
CA GLY B 327 24.52 -11.11 -23.50
C GLY B 327 23.82 -12.10 -22.57
N LYS B 328 22.52 -12.31 -22.71
CA LYS B 328 21.80 -13.35 -21.92
C LYS B 328 22.20 -14.70 -22.48
N PRO B 329 22.35 -15.73 -21.61
CA PRO B 329 22.91 -17.03 -22.02
C PRO B 329 21.92 -17.97 -22.71
N THR B 330 21.19 -17.45 -23.70
CA THR B 330 20.16 -18.20 -24.44
C THR B 330 19.94 -17.52 -25.79
N LEU B 331 19.56 -18.31 -26.79
CA LEU B 331 19.07 -17.80 -28.09
C LEU B 331 17.55 -17.91 -28.15
N ARG B 332 16.90 -18.23 -27.04
CA ARG B 332 15.44 -18.39 -27.03
C ARG B 332 14.76 -17.11 -27.56
N GLU B 333 13.71 -17.27 -28.35
CA GLU B 333 12.93 -16.14 -28.96
C GLU B 333 11.58 -15.99 -28.27
N LEU B 334 11.19 -14.78 -27.89
CA LEU B 334 9.88 -14.54 -27.25
C LEU B 334 8.85 -14.13 -28.31
N THR B 335 7.77 -14.89 -28.45
CA THR B 335 6.73 -14.62 -29.46
C THR B 335 5.76 -13.52 -29.00
N SER B 336 5.84 -13.07 -27.75
CA SER B 336 4.93 -12.05 -27.17
C SER B 336 5.55 -11.55 -25.88
N GLN B 337 4.97 -10.53 -25.27
CA GLN B 337 5.45 -10.01 -23.96
C GLN B 337 5.50 -11.13 -22.93
N HIS B 338 4.50 -12.02 -22.94
CA HIS B 338 4.35 -13.14 -21.98
C HIS B 338 4.03 -14.44 -22.70
N PRO B 339 5.05 -15.14 -23.26
CA PRO B 339 4.79 -16.34 -24.07
C PRO B 339 4.09 -17.47 -23.31
N TYR B 340 4.31 -17.57 -21.98
CA TYR B 340 3.60 -18.59 -21.16
C TYR B 340 2.08 -18.31 -21.22
N ALA B 341 1.67 -17.08 -20.90
CA ALA B 341 0.26 -16.61 -20.99
C ALA B 341 -0.29 -16.91 -22.38
N GLU B 342 0.45 -16.58 -23.43
CA GLU B 342 0.03 -16.75 -24.85
C GLU B 342 -0.26 -18.23 -25.09
N VAL B 343 0.68 -19.10 -24.73
CA VAL B 343 0.71 -20.50 -25.23
C VAL B 343 -0.01 -21.41 -24.24
N PHE B 344 0.20 -21.24 -22.94
CA PHE B 344 -0.31 -22.17 -21.90
C PHE B 344 -1.66 -21.68 -21.34
N ILE B 345 -2.09 -20.45 -21.65
CA ILE B 345 -3.42 -19.94 -21.17
C ILE B 345 -4.29 -19.59 -22.39
N GLY B 346 -3.89 -18.58 -23.17
CA GLY B 346 -4.60 -18.19 -24.39
C GLY B 346 -5.99 -17.61 -24.13
N ARG B 347 -6.77 -17.44 -25.20
CA ARG B 347 -8.11 -16.80 -25.07
C ARG B 347 -9.00 -17.71 -24.24
N PRO B 348 -9.96 -17.18 -23.46
CA PRO B 348 -10.35 -15.76 -23.45
C PRO B 348 -9.57 -14.86 -22.48
N HIS B 349 -8.73 -15.46 -21.65
CA HIS B 349 -8.00 -14.77 -20.57
C HIS B 349 -6.90 -13.92 -21.16
N VAL B 350 -6.34 -14.34 -22.30
CA VAL B 350 -5.13 -13.71 -22.90
C VAL B 350 -5.40 -13.51 -24.38
N TRP B 351 -5.36 -12.26 -24.80
CA TRP B 351 -5.51 -11.85 -26.22
C TRP B 351 -4.15 -11.37 -26.72
N THR B 352 -3.52 -12.15 -27.60
CA THR B 352 -2.17 -11.86 -28.10
C THR B 352 -2.38 -11.12 -29.41
N VAL B 353 -2.07 -9.84 -29.40
CA VAL B 353 -2.42 -8.91 -30.51
C VAL B 353 -1.17 -8.11 -30.89
N ASP B 354 -1.07 -7.83 -32.18
CA ASP B 354 -0.21 -6.80 -32.77
C ASP B 354 -0.69 -5.42 -32.30
N LEU B 355 0.08 -4.74 -31.43
CA LEU B 355 -0.21 -3.38 -30.91
C LEU B 355 -0.51 -2.38 -32.05
N ASN B 356 0.06 -2.60 -33.23
CA ASN B 356 0.04 -1.67 -34.40
C ASN B 356 -1.10 -2.04 -35.36
N ASN B 357 -1.87 -3.09 -35.07
CA ASN B 357 -3.07 -3.48 -35.85
C ASN B 357 -4.29 -2.89 -35.12
N GLN B 358 -4.67 -1.66 -35.45
CA GLN B 358 -5.74 -0.92 -34.75
C GLN B 358 -7.03 -1.73 -34.77
N GLU B 359 -7.31 -2.39 -35.90
CA GLU B 359 -8.53 -3.22 -36.06
C GLU B 359 -8.49 -4.42 -35.11
N GLU B 360 -7.33 -5.09 -35.00
CA GLU B 360 -7.13 -6.31 -34.14
C GLU B 360 -7.25 -5.88 -32.67
N VAL B 361 -6.67 -4.74 -32.31
CA VAL B 361 -6.74 -4.19 -30.91
C VAL B 361 -8.20 -3.85 -30.59
N GLU B 362 -8.89 -3.10 -31.46
CA GLU B 362 -10.29 -2.68 -31.23
C GLU B 362 -11.16 -3.93 -31.10
N ASP B 363 -10.98 -4.91 -31.98
CA ASP B 363 -11.77 -6.18 -31.94
C ASP B 363 -11.53 -6.91 -30.62
N ALA B 364 -10.28 -6.96 -30.12
CA ALA B 364 -9.90 -7.59 -28.85
C ALA B 364 -10.57 -6.86 -27.68
N VAL B 365 -10.53 -5.52 -27.65
CA VAL B 365 -11.11 -4.71 -26.53
C VAL B 365 -12.63 -4.94 -26.53
N LYS B 366 -13.27 -4.90 -27.69
CA LYS B 366 -14.73 -5.13 -27.81
C LYS B 366 -15.06 -6.54 -27.31
N ALA B 367 -14.26 -7.54 -27.70
CA ALA B 367 -14.45 -8.94 -27.28
C ALA B 367 -14.36 -9.01 -25.75
N ILE B 368 -13.29 -8.47 -25.19
CA ILE B 368 -13.01 -8.53 -23.73
C ILE B 368 -14.13 -7.83 -22.95
N LEU B 369 -14.60 -6.67 -23.44
CA LEU B 369 -15.76 -5.94 -22.86
C LEU B 369 -16.95 -6.88 -22.72
N ASN B 370 -17.16 -7.73 -23.73
CA ASN B 370 -18.34 -8.65 -23.85
C ASN B 370 -18.03 -10.03 -23.27
N GLN B 371 -16.86 -10.24 -22.68
CA GLN B 371 -16.50 -11.55 -22.09
C GLN B 371 -17.13 -11.73 -20.71
N LYS B 372 -17.53 -12.97 -20.44
CA LYS B 372 -17.84 -13.45 -19.08
C LYS B 372 -16.53 -13.61 -18.30
N ILE B 373 -16.53 -13.21 -17.04
CA ILE B 373 -15.33 -13.20 -16.17
C ILE B 373 -15.15 -14.61 -15.63
N GLU B 374 -13.95 -15.16 -15.79
CA GLU B 374 -13.56 -16.54 -15.42
C GLU B 374 -12.17 -16.46 -14.80
N PRO B 375 -12.03 -16.19 -13.49
CA PRO B 375 -10.75 -16.20 -12.81
C PRO B 375 -10.06 -17.56 -13.03
N TYR B 376 -8.77 -17.54 -13.38
CA TYR B 376 -8.00 -18.76 -13.74
C TYR B 376 -6.56 -18.66 -13.22
N MET B 377 -6.05 -19.77 -12.67
CA MET B 377 -4.66 -19.95 -12.19
C MET B 377 -4.19 -21.34 -12.59
N PRO B 378 -3.10 -21.51 -13.36
CA PRO B 378 -2.58 -22.84 -13.66
C PRO B 378 -2.16 -23.50 -12.36
N TYR B 379 -2.39 -24.81 -12.21
CA TYR B 379 -2.09 -25.54 -10.96
C TYR B 379 -0.64 -25.27 -10.54
N GLU B 380 0.28 -25.27 -11.49
CA GLU B 380 1.73 -25.14 -11.21
C GLU B 380 2.04 -23.78 -10.56
N PHE B 381 1.19 -22.76 -10.71
CA PHE B 381 1.39 -21.44 -10.07
C PHE B 381 0.51 -21.26 -8.83
N THR B 382 -0.02 -22.34 -8.26
CA THR B 382 -0.73 -22.32 -6.98
C THR B 382 0.26 -22.68 -5.89
N CYS B 383 -0.07 -22.37 -4.64
CA CYS B 383 0.73 -22.77 -3.46
C CYS B 383 0.95 -24.28 -3.48
N GLU B 384 -0.11 -25.07 -3.66
CA GLU B 384 0.02 -26.54 -3.56
C GLU B 384 0.81 -27.05 -4.77
N GLY B 385 0.58 -26.47 -5.95
CA GLY B 385 1.34 -26.83 -7.17
C GLY B 385 2.85 -26.57 -7.01
N MET B 386 3.22 -25.40 -6.47
CA MET B 386 4.65 -25.05 -6.24
C MET B 386 5.25 -25.97 -5.17
N LEU B 387 4.55 -26.22 -4.04
CA LEU B 387 5.07 -27.14 -3.00
C LEU B 387 5.33 -28.53 -3.58
N GLN B 388 4.39 -29.07 -4.34
CA GLN B 388 4.52 -30.41 -4.96
C GLN B 388 5.77 -30.46 -5.87
N ARG B 389 5.95 -29.43 -6.69
CA ARG B 389 7.08 -29.34 -7.65
C ARG B 389 8.41 -29.24 -6.88
N ILE B 390 8.53 -28.30 -5.93
CA ILE B 390 9.85 -28.11 -5.24
C ILE B 390 10.12 -29.33 -4.32
N ASN B 391 9.09 -29.94 -3.74
CA ASN B 391 9.29 -31.17 -2.92
C ASN B 391 9.84 -32.28 -3.82
N ALA B 392 9.33 -32.40 -5.03
CA ALA B 392 9.76 -33.46 -5.97
C ALA B 392 11.21 -33.17 -6.34
N PHE B 393 11.52 -31.93 -6.65
CA PHE B 393 12.91 -31.58 -7.00
C PHE B 393 13.86 -31.93 -5.84
N ILE B 394 13.51 -31.54 -4.62
CA ILE B 394 14.38 -31.76 -3.43
C ILE B 394 14.60 -33.25 -3.20
N GLU B 395 13.51 -34.03 -3.28
CA GLU B 395 13.55 -35.47 -2.95
C GLU B 395 14.18 -36.25 -4.09
N LYS B 396 13.96 -35.86 -5.34
CA LYS B 396 14.26 -36.74 -6.51
C LYS B 396 15.43 -36.23 -7.39
N GLN B 397 15.74 -34.94 -7.39
CA GLN B 397 16.71 -34.37 -8.35
C GLN B 397 18.11 -34.48 -7.73
N ASP B 398 18.98 -35.26 -8.33
CA ASP B 398 20.33 -35.53 -7.73
C ASP B 398 21.36 -35.47 -8.85
N PHE B 399 22.26 -34.50 -8.81
CA PHE B 399 23.37 -34.32 -9.77
C PHE B 399 24.67 -34.81 -9.12
N CYS B 400 24.59 -35.37 -7.92
CA CYS B 400 25.77 -35.79 -7.10
C CYS B 400 25.99 -37.32 -7.18
N HIS B 401 25.24 -38.07 -7.99
CA HIS B 401 25.45 -39.52 -8.30
C HIS B 401 25.24 -40.42 -7.08
N MET B 405 18.84 -41.08 -12.63
CA MET B 405 17.77 -42.09 -12.40
C MET B 405 16.40 -41.40 -12.28
N TRP B 406 16.33 -40.06 -12.35
CA TRP B 406 15.05 -39.29 -12.24
C TRP B 406 15.06 -38.13 -13.23
N PRO B 407 14.05 -37.96 -14.10
CA PRO B 407 12.89 -38.86 -14.18
C PRO B 407 13.23 -40.31 -14.54
N PRO B 408 12.34 -41.28 -14.24
CA PRO B 408 12.62 -42.68 -14.56
C PRO B 408 12.57 -42.91 -16.08
N LEU B 409 13.41 -43.83 -16.53
CA LEU B 409 13.55 -44.23 -17.95
C LEU B 409 12.18 -44.66 -18.52
N SER B 410 11.26 -45.21 -17.70
CA SER B 410 9.87 -45.55 -18.11
C SER B 410 9.21 -44.37 -18.86
N ALA B 411 9.56 -43.11 -18.56
CA ALA B 411 8.88 -41.91 -19.09
C ALA B 411 9.39 -41.53 -20.48
N LEU B 412 10.52 -42.09 -20.89
CA LEU B 412 11.16 -41.76 -22.21
C LEU B 412 10.23 -42.14 -23.35
N GLN B 413 9.93 -41.16 -24.20
CA GLN B 413 9.31 -41.33 -25.53
C GLN B 413 10.22 -40.65 -26.54
N VAL B 414 10.72 -41.41 -27.52
CA VAL B 414 11.72 -40.88 -28.48
C VAL B 414 10.95 -40.32 -29.68
N LYS B 415 11.33 -39.12 -30.11
CA LYS B 415 10.79 -38.49 -31.33
C LYS B 415 11.98 -38.10 -32.20
N LEU B 416 11.74 -38.04 -33.51
CA LEU B 416 12.71 -37.58 -34.52
C LEU B 416 12.26 -36.21 -34.98
N ALA B 417 13.07 -35.19 -34.69
CA ALA B 417 12.88 -33.82 -35.16
C ALA B 417 13.24 -33.79 -36.64
N GLU B 418 12.36 -33.21 -37.46
CA GLU B 418 12.62 -32.90 -38.88
C GLU B 418 13.72 -31.85 -38.97
N PRO B 419 14.44 -31.76 -40.12
CA PRO B 419 15.32 -30.62 -40.38
C PRO B 419 14.64 -29.29 -40.08
N GLY B 420 15.36 -28.38 -39.42
CA GLY B 420 14.83 -27.04 -39.06
C GLY B 420 13.98 -27.06 -37.79
N GLN B 421 13.85 -28.23 -37.15
CA GLN B 421 13.03 -28.44 -35.94
C GLN B 421 13.95 -28.85 -34.77
N SER B 422 13.78 -28.20 -33.62
CA SER B 422 14.55 -28.51 -32.38
C SER B 422 13.89 -29.69 -31.66
N CYS B 423 14.62 -30.32 -30.75
CA CYS B 423 14.04 -31.32 -29.83
C CYS B 423 12.97 -30.64 -28.96
N LYS B 424 13.17 -29.40 -28.53
CA LYS B 424 12.13 -28.67 -27.74
C LYS B 424 10.81 -28.72 -28.53
N GLN B 425 10.87 -28.34 -29.80
CA GLN B 425 9.66 -28.16 -30.66
C GLN B 425 8.98 -29.49 -30.93
N VAL B 426 9.73 -30.53 -31.27
CA VAL B 426 9.14 -31.84 -31.68
C VAL B 426 8.46 -32.48 -30.47
N CYS B 427 9.02 -32.39 -29.26
CA CYS B 427 8.34 -32.91 -28.06
C CYS B 427 7.04 -32.13 -27.87
N GLN B 428 7.11 -30.80 -27.90
CA GLN B 428 5.95 -29.88 -27.65
C GLN B 428 4.81 -30.19 -28.63
N GLU B 429 5.13 -30.51 -29.89
CA GLU B 429 4.13 -30.75 -30.96
C GLU B 429 3.40 -32.08 -30.72
N SER B 430 3.92 -32.97 -29.88
CA SER B 430 3.25 -34.23 -29.44
C SER B 430 2.58 -34.07 -28.07
N GLN B 431 2.38 -32.83 -27.57
CA GLN B 431 1.94 -32.57 -26.17
C GLN B 431 2.86 -33.34 -25.20
N LEU B 432 4.17 -33.33 -25.46
CA LEU B 432 5.21 -33.87 -24.54
C LEU B 432 6.18 -32.73 -24.22
N ILE B 433 7.25 -33.02 -23.49
CA ILE B 433 8.32 -32.01 -23.24
C ILE B 433 9.68 -32.72 -23.31
N CYS B 434 10.67 -32.03 -23.87
CA CYS B 434 12.04 -32.54 -23.98
C CYS B 434 12.59 -32.79 -22.58
N GLU B 435 13.26 -33.92 -22.41
CA GLU B 435 13.81 -34.38 -21.11
C GLU B 435 15.28 -34.67 -21.30
N PRO B 436 16.16 -33.67 -21.06
CA PRO B 436 17.57 -33.79 -21.43
C PRO B 436 18.35 -34.86 -20.63
N SER B 437 17.82 -35.30 -19.49
CA SER B 437 18.44 -36.37 -18.67
C SER B 437 18.41 -37.72 -19.43
N PHE B 438 17.61 -37.83 -20.49
CA PHE B 438 17.46 -39.07 -21.30
C PHE B 438 18.36 -39.07 -22.55
N PHE B 439 19.10 -38.01 -22.88
CA PHE B 439 19.99 -38.00 -24.08
C PHE B 439 21.05 -39.10 -23.95
N GLN B 440 21.53 -39.34 -22.74
CA GLN B 440 22.51 -40.38 -22.39
C GLN B 440 22.05 -41.76 -22.87
N HIS B 441 20.76 -42.00 -23.03
CA HIS B 441 20.19 -43.30 -23.44
C HIS B 441 20.00 -43.38 -24.96
N LEU B 442 20.41 -42.34 -25.71
CA LEU B 442 20.07 -42.20 -27.16
C LEU B 442 21.35 -42.00 -27.97
N ASN B 443 22.50 -42.44 -27.46
CA ASN B 443 23.80 -41.93 -27.93
C ASN B 443 24.75 -43.08 -28.32
N LYS B 444 24.22 -44.22 -28.80
CA LYS B 444 25.03 -45.29 -29.43
C LYS B 444 24.12 -46.23 -30.24
N ASP B 445 24.73 -46.96 -31.19
CA ASP B 445 24.08 -47.83 -32.22
C ASP B 445 23.05 -48.74 -31.55
N LYS B 446 23.46 -49.43 -30.48
CA LYS B 446 22.69 -50.48 -29.76
C LYS B 446 21.41 -49.85 -29.20
N ASP B 447 21.56 -48.71 -28.51
CA ASP B 447 20.44 -47.95 -27.91
C ASP B 447 19.44 -47.54 -29.00
N MET B 448 19.91 -47.19 -30.20
CA MET B 448 19.05 -46.70 -31.32
C MET B 448 18.15 -47.80 -31.89
N LEU B 449 18.61 -49.06 -31.89
CA LEU B 449 17.81 -50.23 -32.34
C LEU B 449 16.52 -50.29 -31.50
N LYS B 450 16.66 -50.20 -30.17
CA LYS B 450 15.53 -50.16 -29.17
C LYS B 450 14.39 -49.25 -29.65
N TYR B 451 14.70 -48.10 -30.27
CA TYR B 451 13.71 -47.07 -30.70
C TYR B 451 13.52 -47.18 -32.23
N LYS B 452 13.86 -48.35 -32.78
CA LYS B 452 13.52 -48.79 -34.16
C LYS B 452 14.12 -47.81 -35.18
N VAL B 453 15.31 -47.27 -34.89
CA VAL B 453 16.14 -46.48 -35.84
C VAL B 453 17.46 -47.24 -35.99
N THR B 454 17.92 -47.40 -37.25
CA THR B 454 19.03 -48.32 -37.65
C THR B 454 20.16 -47.52 -38.27
N CYS B 455 21.28 -47.43 -37.55
CA CYS B 455 22.52 -46.74 -37.99
C CYS B 455 23.33 -47.72 -38.85
N GLN B 456 23.28 -47.57 -40.17
CA GLN B 456 24.13 -48.33 -41.12
C GLN B 456 25.59 -47.96 -40.87
N SER B 457 25.85 -46.66 -40.63
CA SER B 457 27.16 -46.11 -40.21
C SER B 457 26.97 -45.08 -39.08
N SER B 458 28.06 -44.65 -38.44
CA SER B 458 28.05 -43.63 -37.37
C SER B 458 29.42 -42.95 -37.22
N GLU B 459 29.44 -41.77 -36.58
CA GLU B 459 30.65 -41.00 -36.18
C GLU B 459 30.31 -40.23 -34.91
N LEU B 460 31.30 -39.63 -34.25
CA LEU B 460 31.14 -38.75 -33.05
C LEU B 460 31.37 -37.30 -33.47
N ALA B 461 30.63 -36.36 -32.87
CA ALA B 461 30.85 -34.90 -33.00
C ALA B 461 30.57 -34.27 -31.64
N LYS B 462 31.30 -33.22 -31.32
CA LYS B 462 31.07 -32.31 -30.16
C LYS B 462 30.25 -31.14 -30.70
N ASP B 463 28.93 -31.31 -30.71
CA ASP B 463 27.94 -30.39 -31.31
C ASP B 463 26.65 -30.44 -30.48
N ILE B 464 25.97 -29.32 -30.29
CA ILE B 464 24.65 -29.30 -29.59
C ILE B 464 23.59 -30.00 -30.44
N LEU B 465 23.84 -30.29 -31.75
CA LEU B 465 22.74 -30.78 -32.65
C LEU B 465 22.70 -32.31 -32.74
N VAL B 466 23.54 -33.02 -32.00
CA VAL B 466 23.62 -34.50 -32.04
C VAL B 466 23.24 -35.07 -30.68
N PRO B 467 22.64 -36.29 -30.60
CA PRO B 467 22.52 -37.22 -31.72
C PRO B 467 21.62 -36.87 -32.92
N SER B 468 22.15 -37.13 -34.12
CA SER B 468 21.48 -36.83 -35.41
C SER B 468 21.40 -38.10 -36.26
N PHE B 469 20.40 -38.15 -37.13
CA PHE B 469 20.10 -39.27 -38.06
C PHE B 469 19.96 -38.68 -39.46
N ASP B 470 20.74 -39.19 -40.41
CA ASP B 470 20.50 -38.98 -41.86
C ASP B 470 19.71 -40.19 -42.34
N PRO B 471 18.38 -40.05 -42.59
CA PRO B 471 17.53 -41.21 -42.90
C PRO B 471 17.68 -41.65 -44.36
N LYS B 472 18.39 -40.85 -45.16
CA LYS B 472 18.74 -41.11 -46.59
C LYS B 472 19.97 -42.04 -46.63
N ASN B 473 20.98 -41.76 -45.81
CA ASN B 473 22.26 -42.51 -45.72
C ASN B 473 22.16 -43.54 -44.59
N LYS B 474 21.13 -43.48 -43.73
CA LYS B 474 21.03 -44.29 -42.49
C LYS B 474 22.30 -44.07 -41.63
N HIS B 475 22.79 -42.83 -41.60
CA HIS B 475 24.02 -42.40 -40.88
C HIS B 475 23.64 -41.69 -39.58
N CYS B 476 24.21 -42.15 -38.46
CA CYS B 476 24.02 -41.56 -37.10
C CYS B 476 25.29 -40.81 -36.70
N VAL B 477 25.17 -39.54 -36.31
CA VAL B 477 26.22 -38.80 -35.57
C VAL B 477 25.84 -38.78 -34.09
N PHE B 478 26.75 -39.25 -33.22
CA PHE B 478 26.56 -39.33 -31.75
C PHE B 478 27.36 -38.23 -31.04
N GLN B 479 26.95 -37.92 -29.82
CA GLN B 479 27.54 -36.81 -29.04
C GLN B 479 28.89 -37.28 -28.46
N GLY B 480 29.96 -36.52 -28.71
CA GLY B 480 31.28 -36.76 -28.11
C GLY B 480 31.59 -35.90 -26.89
N ASP B 481 30.76 -34.91 -26.57
CA ASP B 481 30.94 -34.08 -25.35
C ASP B 481 29.60 -34.05 -24.64
N LEU B 482 29.46 -34.84 -23.58
CA LEU B 482 28.17 -35.07 -22.91
C LEU B 482 27.60 -33.74 -22.38
N LEU B 483 28.45 -32.73 -22.12
CA LEU B 483 27.99 -31.41 -21.62
C LEU B 483 27.27 -30.64 -22.76
N LEU B 484 27.31 -31.12 -24.00
CA LEU B 484 26.69 -30.41 -25.14
C LEU B 484 25.32 -30.97 -25.48
N PHE B 485 24.81 -31.97 -24.76
CA PHE B 485 23.40 -32.41 -24.98
C PHE B 485 22.45 -31.22 -24.81
N SER B 486 21.56 -31.01 -25.78
CA SER B 486 20.77 -29.76 -25.89
C SER B 486 19.39 -30.02 -26.48
N CYS B 487 18.33 -29.72 -25.74
CA CYS B 487 16.93 -29.67 -26.28
C CYS B 487 16.85 -28.55 -27.33
N ALA B 488 17.46 -27.40 -27.04
CA ALA B 488 17.60 -26.24 -27.95
C ALA B 488 18.41 -26.63 -29.19
N GLY B 489 17.98 -26.12 -30.34
CA GLY B 489 18.74 -26.20 -31.60
C GLY B 489 18.12 -27.11 -32.62
N ALA B 490 18.10 -26.68 -33.89
CA ALA B 490 17.52 -27.43 -35.01
C ALA B 490 18.66 -27.81 -35.97
N HIS B 491 18.70 -29.07 -36.41
CA HIS B 491 19.66 -29.54 -37.45
C HIS B 491 19.18 -28.99 -38.79
N PRO B 492 20.04 -28.27 -39.56
CA PRO B 492 19.62 -27.68 -40.83
C PRO B 492 19.35 -28.75 -41.92
N ARG B 493 20.00 -29.91 -41.84
CA ARG B 493 20.00 -30.96 -42.89
C ARG B 493 19.36 -32.25 -42.39
N HIS B 494 19.72 -32.70 -41.19
CA HIS B 494 19.42 -34.05 -40.64
C HIS B 494 18.22 -33.99 -39.69
N GLN B 495 17.75 -35.17 -39.29
CA GLN B 495 16.81 -35.39 -38.17
C GLN B 495 17.59 -35.41 -36.84
N ARG B 496 17.01 -34.82 -35.78
CA ARG B 496 17.58 -34.98 -34.41
C ARG B 496 16.82 -36.14 -33.73
N VAL B 497 17.55 -36.94 -32.97
CA VAL B 497 16.99 -37.98 -32.08
C VAL B 497 16.72 -37.32 -30.75
N CYS B 498 15.45 -37.26 -30.36
CA CYS B 498 14.97 -36.34 -29.30
C CYS B 498 14.36 -37.12 -28.17
N PRO B 499 14.84 -36.90 -26.91
CA PRO B 499 14.24 -37.50 -25.73
C PRO B 499 13.07 -36.64 -25.24
N CYS B 500 11.86 -37.21 -25.27
CA CYS B 500 10.64 -36.56 -24.74
C CYS B 500 10.17 -37.32 -23.51
N ARG B 501 9.39 -36.65 -22.66
CA ARG B 501 8.62 -37.27 -21.56
C ARG B 501 7.22 -36.69 -21.58
N ASP B 502 6.32 -37.44 -20.97
CA ASP B 502 4.96 -36.96 -20.62
C ASP B 502 5.09 -35.94 -19.49
N PHE B 503 4.09 -35.09 -19.37
CA PHE B 503 3.95 -34.13 -18.26
C PHE B 503 2.49 -34.19 -17.79
N ILE B 504 2.31 -33.85 -16.52
CA ILE B 504 0.97 -33.61 -15.92
C ILE B 504 0.48 -32.27 -16.45
N LYS B 505 -0.72 -32.22 -17.05
CA LYS B 505 -1.33 -30.93 -17.46
C LYS B 505 -1.46 -30.08 -16.19
N GLY B 506 -0.96 -28.85 -16.27
CA GLY B 506 -0.91 -27.93 -15.14
C GLY B 506 0.35 -28.10 -14.28
N GLN B 507 1.19 -29.11 -14.54
CA GLN B 507 2.46 -29.37 -13.77
C GLN B 507 3.53 -29.93 -14.73
N VAL B 508 3.98 -29.10 -15.69
CA VAL B 508 4.85 -29.54 -16.81
C VAL B 508 6.24 -30.00 -16.28
N ALA B 509 6.64 -29.59 -15.07
CA ALA B 509 7.94 -29.94 -14.46
C ALA B 509 8.00 -31.44 -14.15
N LEU B 510 6.85 -32.10 -14.00
CA LEU B 510 6.80 -33.48 -13.45
C LEU B 510 6.15 -34.41 -14.45
N CYS B 511 6.75 -35.59 -14.66
CA CYS B 511 6.15 -36.69 -15.47
C CYS B 511 5.11 -37.38 -14.58
N LYS B 512 4.26 -38.19 -15.16
CA LYS B 512 3.18 -38.91 -14.42
C LYS B 512 3.81 -39.81 -13.35
N ASP B 513 4.98 -40.41 -13.62
CA ASP B 513 5.64 -41.37 -12.70
C ASP B 513 6.78 -40.70 -11.92
N CYS B 514 6.71 -39.40 -11.66
CA CYS B 514 7.85 -38.60 -11.11
C CYS B 514 7.64 -38.32 -9.62
N LEU B 515 6.43 -38.50 -9.06
CA LEU B 515 6.14 -38.03 -7.67
C LEU B 515 6.87 -38.91 -6.63
C1 MAN C . -2.81 23.67 -3.09
C2 MAN C . -1.29 23.55 -2.87
C3 MAN C . -0.89 22.32 -2.04
C4 MAN C . -1.79 22.17 -0.83
C5 MAN C . -3.24 22.24 -1.22
C6 MAN C . -4.07 22.18 0.04
O1 MAN C . -3.28 22.71 -4.04
O2 MAN C . -0.83 24.76 -2.25
O3 MAN C . 0.50 22.38 -1.58
O4 MAN C . -1.58 20.92 -0.19
O5 MAN C . -3.57 23.46 -1.91
O6 MAN C . -3.48 22.95 1.13
H1 MAN C . -2.99 24.69 -3.44
H2 MAN C . -0.82 23.46 -3.85
H3 MAN C . -1.04 21.44 -2.67
H4 MAN C . -1.55 23.00 -0.13
H5 MAN C . -3.49 21.36 -1.85
H61 MAN C . -4.17 21.13 0.32
H62 MAN C . -5.07 22.56 -0.17
HO1 MAN C . -3.91 22.19 -3.73
HO2 MAN C . -1.04 25.54 -2.70
HO4 MAN C . -0.64 20.85 0.08
C1 MAN C . -4.28 22.56 2.26
C2 MAN C . -3.85 23.33 3.49
C3 MAN C . -2.42 22.95 3.91
C4 MAN C . -2.36 21.43 4.12
C5 MAN C . -2.94 20.67 2.93
C6 MAN C . -3.09 19.16 3.11
O2 MAN C . -4.77 22.96 4.53
O3 MAN C . -2.11 23.64 5.09
O4 MAN C . -1.00 21.06 4.42
O5 MAN C . -4.23 21.18 2.50
O6 MAN C . -3.39 18.81 4.49
H1 MAN C . -5.33 22.84 2.05
H2 MAN C . -3.90 24.41 3.30
H3 MAN C . -1.73 23.23 3.11
H4 MAN C . -2.97 21.20 5.00
H5 MAN C . -2.22 20.81 2.10
H61 MAN C . -2.16 18.66 2.81
H62 MAN C . -3.89 18.79 2.47
HO3 MAN C . -2.18 24.59 4.92
HO4 MAN C . -0.67 21.55 5.17
HO6 MAN C . -3.44 19.62 5.02
C1 NAG C . -6.03 23.64 4.55
C2 NAG C . -7.10 22.67 5.08
C3 NAG C . -8.41 23.34 5.40
C4 NAG C . -8.18 24.61 6.18
C5 NAG C . -7.11 25.51 5.51
C6 NAG C . -6.83 26.77 6.29
C7 NAG C . -7.81 21.72 2.90
C8 NAG C . -7.89 20.48 2.08
N2 NAG C . -7.27 21.55 4.13
O3 NAG C . -9.19 22.41 6.16
O4 NAG C . -9.38 25.31 6.26
O5 NAG C . -5.92 24.75 5.40
O6 NAG C . -6.18 26.49 7.54
O7 NAG C . -8.14 22.79 2.43
H1 NAG C . -6.31 23.98 3.55
H2 NAG C . -6.72 22.24 6.03
H3 NAG C . -8.93 23.60 4.47
H4 NAG C . -7.83 24.34 7.18
H5 NAG C . -7.47 25.79 4.51
H61 NAG C . -7.75 27.31 6.47
H62 NAG C . -6.18 27.43 5.70
H81 NAG C . -8.74 19.93 2.37
H82 NAG C . -7.98 20.75 1.06
H83 NAG C . -7.03 19.90 2.21
HN2 NAG C . -7.00 20.63 4.44
HO3 NAG C . -10.05 22.81 6.36
HO4 NAG C . -9.25 26.10 6.80
HO6 NAG C . -6.01 27.31 8.02
C1 MAN C . 1.35 21.31 -2.10
C2 MAN C . 2.02 20.48 -0.98
C3 MAN C . 3.29 21.09 -0.36
C4 MAN C . 4.11 21.95 -1.32
C5 MAN C . 3.29 22.70 -2.38
C6 MAN C . 4.16 23.21 -3.53
O2 MAN C . 2.36 19.14 -1.41
O3 MAN C . 4.14 20.07 0.19
O4 MAN C . 4.84 22.86 -0.50
O5 MAN C . 2.31 21.86 -2.99
O6 MAN C . 3.47 24.24 -4.25
H1 MAN C . 0.74 20.60 -2.68
H2 MAN C . 1.28 20.38 -0.17
H3 MAN C . 2.96 21.75 0.46
H4 MAN C . 4.81 21.29 -1.84
H5 MAN C . 2.79 23.56 -1.90
H61 MAN C . 4.38 22.38 -4.20
H62 MAN C . 5.10 23.58 -3.13
HO2 MAN C . 1.72 18.71 -1.99
HO3 MAN C . 3.68 19.55 0.70
HO4 MAN C . 5.27 22.50 0.10
HO6 MAN C . 2.59 24.57 -3.75
C1 MAN D . 19.49 -8.18 -13.75
C2 MAN D . 19.15 -8.70 -15.14
C3 MAN D . 18.25 -7.71 -15.93
C4 MAN D . 16.99 -7.42 -15.15
C5 MAN D . 17.35 -7.00 -13.72
C6 MAN D . 16.09 -6.88 -12.85
O1 MAN D . 20.23 -6.94 -13.71
O2 MAN D . 18.43 -9.94 -15.00
O3 MAN D . 17.99 -8.28 -17.23
O4 MAN D . 16.11 -6.48 -15.81
O5 MAN D . 18.29 -7.91 -13.05
O6 MAN D . 15.04 -7.84 -13.18
H1 MAN D . 20.06 -8.95 -13.21
H2 MAN D . 20.09 -8.86 -15.70
H3 MAN D . 18.80 -6.76 -16.06
H4 MAN D . 16.44 -8.37 -15.07
H5 MAN D . 17.81 -6.00 -13.77
H61 MAN D . 15.69 -5.87 -12.97
H62 MAN D . 16.37 -7.00 -11.80
HO1 MAN D . 20.93 -6.97 -14.36
HO2 MAN D . 17.80 -10.05 -15.74
HO3 MAN D . 18.82 -8.46 -17.67
HO4 MAN D . 15.93 -6.78 -16.71
HO6 MAN D . 15.35 -8.43 -13.88
C1 NAG D . 19.12 -11.09 -14.62
C2 NAG D . 18.20 -11.99 -13.81
C3 NAG D . 18.85 -13.38 -13.62
C4 NAG D . 19.26 -14.00 -14.95
C5 NAG D . 20.09 -12.98 -15.75
C6 NAG D . 20.48 -13.46 -17.16
C7 NAG D . 18.88 -11.02 -11.63
C8 NAG D . 18.34 -10.31 -10.42
N2 NAG D . 17.95 -11.32 -12.54
O3 NAG D . 17.84 -14.21 -13.05
O4 NAG D . 20.09 -15.18 -14.70
O5 NAG D . 19.34 -11.77 -15.88
O6 NAG D . 19.40 -13.66 -18.03
O7 NAG D . 20.08 -11.30 -11.72
H1 NAG D . 18.52 -10.20 -14.78
H2 NAG D . 17.25 -12.11 -14.34
H3 NAG D . 19.72 -13.31 -12.96
H4 NAG D . 18.36 -14.28 -15.51
H5 NAG D . 21.01 -12.79 -15.19
H61 NAG D . 21.04 -14.40 -17.06
H62 NAG D . 21.16 -12.72 -17.59
H81 NAG D . 17.66 -10.94 -9.90
H82 NAG D . 19.14 -10.05 -9.77
H83 NAG D . 17.85 -9.43 -10.73
HN2 NAG D . 16.99 -11.05 -12.37
HO3 NAG D . 18.22 -15.10 -12.89
HO4 NAG D . 20.34 -15.57 -15.55
HO6 NAG D . 19.75 -13.96 -18.89
C1 EDO E . -12.63 1.35 14.15
O1 EDO E . -11.50 1.02 13.37
C2 EDO E . -12.31 1.66 15.56
O2 EDO E . -11.72 2.93 15.71
H11 EDO E . -13.26 0.60 14.13
H12 EDO E . -13.08 2.13 13.76
HO1 EDO E . -11.75 0.87 12.57
H21 EDO E . -11.69 0.98 15.90
H22 EDO E . -13.13 1.62 16.10
HO2 EDO E . -11.13 3.04 15.11
C1 U2F F . -2.41 10.17 7.80
O1 U2F F . -2.06 10.69 9.10
PB U2F F . -1.16 11.99 9.20
O1B U2F F . -1.11 12.33 10.68
O2B U2F F . 0.12 11.80 8.50
O3A U2F F . -2.11 13.14 8.50
PA U2F F . -1.95 13.82 7.06
O1A U2F F . -1.95 12.81 5.95
O2A U2F F . -3.20 14.72 6.91
O5' U2F F . -0.68 14.77 7.09
C5' U2F F . -0.81 16.04 7.76
C4' U2F F . 0.05 17.05 7.01
O4' U2F F . 1.29 16.49 6.53
C1' U2F F . 1.70 17.22 5.38
C2' U2F F . 0.54 18.14 4.98
C3' U2F F . -0.65 17.60 5.76
O3' U2F F . -1.64 18.59 6.06
O2' U2F F . 0.81 19.47 5.40
N1 U2F F . 2.01 16.37 4.24
C6' U2F F . 2.88 16.91 3.24
O6' U2F F . 3.38 18.07 3.35
N3 U2F F . 3.18 16.14 2.17
C7' U2F F . 2.68 14.92 2.04
O7' U2F F . 2.98 14.26 1.01
C8' U2F F . 1.81 14.38 3.01
C9' U2F F . 1.49 15.14 4.13
C2 U2F F . -3.78 9.63 7.89
F1 U2F F . -4.57 10.65 8.37
C3 U2F F . -3.72 8.41 8.81
O3 U2F F . -5.03 7.96 8.94
C4 U2F F . -2.82 7.34 8.19
O4 U2F F . -2.71 6.19 9.05
C5 U2F F . -1.46 7.93 8.02
C6 U2F F . -0.52 6.93 7.32
O6 U2F F . 0.80 7.42 7.50
O5 U2F F . -1.57 9.15 7.26
H1 U2F F . -2.45 11.00 7.08
H5'1 U2F F . -0.46 15.94 8.79
H5'2 U2F F . -1.85 16.38 7.77
H4' U2F F . 0.29 17.88 7.68
H1' U2F F . 2.56 17.85 5.64
H2' U2F F . 0.34 18.09 3.89
H3' U2F F . -1.09 16.75 5.22
HB U2F F . -2.30 18.18 6.58
HA U2F F . 0.09 19.97 5.07
H3 U2F F . 3.82 16.51 1.43
H8' U2F F . 1.40 13.39 2.91
H9' U2F F . 0.82 14.74 4.88
H2 U2F F . -4.12 9.31 6.90
HC U2F F . -3.32 8.69 9.78
HD U2F F . -5.04 7.17 9.58
H4 U2F F . -3.22 7.05 7.20
HE U2F F . -2.22 5.60 8.54
H5 U2F F . -1.04 8.14 9.02
H6C1 U2F F . -0.76 6.86 6.25
H6C2 U2F F . -0.62 5.93 7.76
H6 U2F F . 1.27 6.70 7.03
S SO4 G . -35.13 15.09 -5.30
O1 SO4 G . -35.14 15.45 -3.91
O2 SO4 G . -34.07 14.16 -5.57
O3 SO4 G . -34.94 16.25 -6.13
O4 SO4 G . -36.38 14.47 -5.62
S SO4 H . 19.58 -1.65 14.96
O1 SO4 H . 20.59 -1.67 15.99
O2 SO4 H . 19.07 -2.99 14.77
O3 SO4 H . 20.19 -1.18 13.74
O4 SO4 H . 18.51 -0.78 15.34
S SO4 I . -7.96 -4.89 3.79
O1 SO4 I . -6.79 -5.67 3.48
O2 SO4 I . -8.24 -4.94 5.19
O3 SO4 I . -9.07 -5.43 3.04
O4 SO4 I . -7.74 -3.52 3.42
C1 EDO J . 12.28 -29.48 11.11
O1 EDO J . 11.71 -30.35 10.15
C2 EDO J . 11.28 -28.84 12.03
O2 EDO J . 10.02 -28.63 11.41
H11 EDO J . 12.77 -28.77 10.65
H12 EDO J . 12.92 -29.99 11.66
HO1 EDO J . 12.30 -30.64 9.70
H21 EDO J . 11.64 -27.98 12.33
H22 EDO J . 11.16 -29.41 12.81
HO2 EDO J . 10.11 -28.12 10.75
C1 U2F K . 9.67 -9.21 -14.46
O1 U2F K . 10.01 -8.43 -13.26
PB U2F K . 9.10 -7.23 -12.74
O1B U2F K . 9.47 -6.79 -11.41
O2B U2F K . 9.12 -6.26 -13.92
O3A U2F K . 7.66 -7.96 -12.67
PA U2F K . 6.15 -7.54 -12.80
O1A U2F K . 5.40 -8.38 -13.78
O2A U2F K . 5.96 -6.07 -13.02
O5' U2F K . 5.63 -7.91 -11.34
C5' U2F K . 6.43 -8.00 -10.17
C4' U2F K . 5.55 -7.59 -9.01
O4' U2F K . 5.23 -6.19 -9.16
C1' U2F K . 4.09 -6.05 -8.29
C2' U2F K . 3.22 -7.16 -8.86
C3' U2F K . 4.22 -8.32 -9.01
O3' U2F K . 4.12 -9.32 -7.99
O2' U2F K . 2.14 -7.48 -7.99
N1 U2F K . 3.53 -4.66 -8.27
C6' U2F K . 3.22 -3.96 -7.03
O6' U2F K . 3.35 -4.43 -5.84
N3 U2F K . 2.75 -2.68 -7.07
C7' U2F K . 2.53 -2.03 -8.22
O7' U2F K . 2.06 -0.86 -8.10
C8' U2F K . 2.81 -2.68 -9.45
C9' U2F K . 3.33 -4.01 -9.45
C2 U2F K . 10.33 -10.61 -14.33
F1 U2F K . 9.85 -11.37 -13.25
C3 U2F K . 11.87 -10.46 -14.32
O3 U2F K . 12.39 -11.82 -14.30
C4 U2F K . 12.40 -9.62 -15.51
O4 U2F K . 13.74 -9.22 -15.23
C5 U2F K . 11.56 -8.35 -15.79
C6 U2F K . 11.98 -7.53 -17.04
O6 U2F K . 11.67 -8.02 -18.36
O5 U2F K . 10.14 -8.66 -15.72
H1 U2F K . 8.60 -9.35 -14.51
H5'1 U2F K . 7.28 -7.32 -10.23
H5'2 U2F K . 6.80 -9.02 -10.04
H4' U2F K . 6.07 -7.78 -8.07
H1' U2F K . 4.38 -6.34 -7.27
H2' U2F K . 2.85 -6.86 -9.85
H3' U2F K . 4.04 -8.80 -9.99
HB U2F K . 4.80 -10.01 -8.15
HA U2F K . 1.58 -8.20 -8.42
H3 U2F K . 2.51 -2.21 -6.17
H8' U2F K . 2.65 -2.16 -10.38
H9' U2F K . 3.55 -4.51 -10.38
H2 U2F K . 10.08 -11.15 -15.26
HC U2F K . 12.17 -9.97 -13.39
HD U2F K . 13.52 -11.64 -14.25
H4 U2F K . 12.36 -10.25 -16.40
HE U2F K . 14.10 -8.72 -15.97
H5 U2F K . 11.78 -7.69 -14.93
H6C1 U2F K . 13.06 -7.36 -16.99
H6C2 U2F K . 11.52 -6.53 -16.94
H6 U2F K . 11.95 -7.41 -19.02
S SO4 L . 24.92 -26.14 12.65
O1 SO4 L . 23.97 -26.41 13.69
O2 SO4 L . 26.06 -27.01 12.76
O3 SO4 L . 25.36 -24.77 12.77
O4 SO4 L . 24.30 -26.35 11.37
S SO4 M . 13.68 -5.69 10.23
O1 SO4 M . 14.80 -5.09 9.57
O2 SO4 M . 13.59 -7.09 9.87
O3 SO4 M . 13.83 -5.60 11.67
O4 SO4 M . 12.46 -5.02 9.82
S SO4 N . -12.11 -18.89 -32.26
O1 SO4 N . -11.33 -19.95 -32.85
O2 SO4 N . -11.40 -18.35 -31.14
O3 SO4 N . -13.39 -19.42 -31.82
O4 SO4 N . -12.33 -17.87 -33.24
#